data_3C16
#
_entry.id   3C16
#
_cell.length_a   118.331
_cell.length_b   133.527
_cell.length_c   70.703
_cell.angle_alpha   90.00
_cell.angle_beta   90.00
_cell.angle_gamma   90.00
#
_symmetry.space_group_name_H-M   'P 21 21 2'
#
loop_
_entity.id
_entity.type
_entity.pdbx_description
1 polymer 'Adenylate cyclase type 5'
2 polymer 'Adenylate cyclase type 2'
3 polymer 'Guanine nucleotide-binding protein G(s) subunit alpha isoforms short'
4 non-polymer 'CALCIUM ION'
5 non-polymer FORSKOLIN
6 non-polymer "ADENOSINE-5'-TRIPHOSPHATE"
7 non-polymer 'CHLORIDE ION'
8 non-polymer 'MAGNESIUM ION'
9 non-polymer "5'-GUANOSINE-DIPHOSPHATE-MONOTHIOPHOSPHATE"
10 water water
#
loop_
_entity_poly.entity_id
_entity_poly.type
_entity_poly.pdbx_seq_one_letter_code
_entity_poly.pdbx_strand_id
1 'polypeptide(L)'
;MHHHHHHAMEMKADINAKQEDMMFHKIYIQKHDNVSILFADIEGFTSLASQCTAQELVMTLNELFARFDKLAAENHCLRI
KILGDCYYCVSGLPEARADHAHCCVEMGMDMIEAISLVREMTGVNVNMRVGIHSGRVHCGVLGLRKWQFDVWSNDVTLAN
HMEAGGKAGRIHITKATLSYLNGDYEVEPGCGGERNAYLKEHSIETFLILRCTQKRKEEKAMIAK
;
A
2 'polypeptide(L)'
;RSLKNEELYHQSYDCVCVMFASIPDFKEFYTESDVNKEGLECLRLLNEIIADFDDLLSKPKFSGVEKIKTIGSTYMAATG
LSAIPSQEHAQEPERQYMHIGTMVEFAYALVGKLDAINKHSFNDFKLRVGINHGPVIAGVIGAQKPQYDIWGNTVNVASR
MDSTGVLDKIQVTEETSLILQTLGYTCTCRGIINVKGKGDLKTYFVNTEMSR
;
B
3 'polypeptide(L)'
;MGCLGNSKTEDQRNEEKAQREANKKIEKQLQKDKQVYRATHRLLLLGAGESGKSTIVKQMRILHVNGFNGEGGEEDPQAA
RSNSDGEKATKVQDIKNNLKEAIETIVAAMSNLVPPVELANPENQFRVDYILSVMNVPDFDFPPEFYEHAKALWEDEGVR
ACYERSNEYQLIDCAQYFLDKIDVIKQDDYVPSDQDLLRCRVLTSGIFETKFQVDKVNFHMFDVGGQRDERRKWIQCFND
VTAIIFVVASSSYNMVIREDNQTNRLQEALNLFKSIWNNRWLRTISVILFLNKQDLLAEKVLAGKSKIEDYFPEFARYTT
PEDATPEPGEDPRVTRAKYFIRDEFLRISTASGDGRHYCYPHFTCAVDTENIRRVFNDCRDIIQRMHLRQYELLGGHHHH
HH
;
C
#
loop_
_chem_comp.id
_chem_comp.type
_chem_comp.name
_chem_comp.formula
ATP non-polymer ADENOSINE-5'-TRIPHOSPHATE 'C10 H16 N5 O13 P3'
CA non-polymer 'CALCIUM ION' 'Ca 2'
CL non-polymer 'CHLORIDE ION' 'Cl -1'
FOK non-polymer FORSKOLIN 'C22 H34 O7'
GSP non-polymer 5'-GUANOSINE-DIPHOSPHATE-MONOTHIOPHOSPHATE 'C10 H16 N5 O13 P3 S'
MG non-polymer 'MAGNESIUM ION' 'Mg 2'
#
# COMPACT_ATOMS: atom_id res chain seq x y z
N ASP A 21 17.55 -10.40 -0.04
CA ASP A 21 18.95 -10.49 0.43
C ASP A 21 19.92 -9.95 -0.62
N MET A 22 19.58 -10.14 -1.89
CA MET A 22 20.35 -9.58 -3.00
C MET A 22 19.54 -8.51 -3.74
N MET A 23 18.22 -8.49 -3.50
CA MET A 23 17.33 -7.54 -4.18
C MET A 23 16.52 -6.67 -3.23
N PHE A 24 15.84 -7.31 -2.28
CA PHE A 24 15.38 -6.63 -1.09
C PHE A 24 16.55 -6.63 -0.12
N HIS A 25 16.64 -5.60 0.71
CA HIS A 25 17.60 -5.60 1.81
C HIS A 25 17.24 -6.72 2.78
N LYS A 26 18.21 -7.16 3.57
CA LYS A 26 17.94 -8.13 4.63
C LYS A 26 17.03 -7.49 5.67
N ILE A 27 15.96 -8.20 6.02
CA ILE A 27 15.01 -7.76 7.03
C ILE A 27 15.28 -8.42 8.38
N TYR A 28 15.47 -7.61 9.41
CA TYR A 28 15.71 -8.12 10.76
C TYR A 28 14.43 -7.96 11.58
N ILE A 29 13.43 -8.77 11.25
CA ILE A 29 12.11 -8.73 11.89
C ILE A 29 11.54 -10.14 11.99
N GLN A 30 10.75 -10.39 13.04
CA GLN A 30 10.13 -11.70 13.27
C GLN A 30 8.81 -11.59 14.04
N LYS A 31 7.88 -12.48 13.72
CA LYS A 31 6.54 -12.48 14.31
C LYS A 31 6.55 -13.03 15.73
N HIS A 32 5.73 -12.45 16.60
CA HIS A 32 5.62 -12.87 18.00
C HIS A 32 4.21 -12.71 18.54
N ASP A 33 3.50 -13.82 18.72
CA ASP A 33 2.14 -13.85 19.26
C ASP A 33 2.09 -13.85 20.79
N ASN A 34 0.88 -13.74 21.33
CA ASN A 34 0.60 -13.83 22.78
C ASN A 34 1.48 -12.92 23.65
N VAL A 35 1.57 -11.65 23.24
CA VAL A 35 2.37 -10.65 23.94
C VAL A 35 1.52 -9.45 24.31
N SER A 36 1.95 -8.71 25.33
CA SER A 36 1.14 -7.65 25.90
C SER A 36 1.91 -6.33 25.94
N ILE A 37 1.35 -5.31 25.28
CA ILE A 37 2.08 -4.08 24.98
C ILE A 37 1.67 -2.89 25.87
N LEU A 38 2.57 -2.51 26.77
CA LEU A 38 2.29 -1.41 27.69
C LEU A 38 2.75 -0.07 27.12
N PHE A 39 1.88 0.94 27.25
CA PHE A 39 2.18 2.30 26.85
C PHE A 39 1.87 3.23 27.99
N ALA A 40 2.76 4.19 28.22
CA ALA A 40 2.65 5.08 29.36
C ALA A 40 3.13 6.48 29.02
N ASP A 41 2.30 7.47 29.34
CA ASP A 41 2.60 8.86 29.07
C ASP A 41 2.42 9.71 30.32
N ILE A 42 2.86 10.96 30.26
CA ILE A 42 2.85 11.84 31.41
C ILE A 42 1.80 12.94 31.28
N GLU A 43 0.81 12.90 32.16
CA GLU A 43 -0.18 13.96 32.28
C GLU A 43 0.47 15.13 32.98
N GLY A 44 0.33 16.31 32.40
CA GLY A 44 0.98 17.51 32.94
C GLY A 44 2.47 17.50 32.67
N PHE A 45 2.84 17.39 31.40
CA PHE A 45 4.25 17.42 30.99
C PHE A 45 4.71 18.85 30.72
N THR A 46 3.84 19.64 30.13
CA THR A 46 4.16 21.02 29.79
C THR A 46 4.07 21.93 31.01
N SER A 47 3.18 21.58 31.93
CA SER A 47 3.03 22.31 33.19
C SER A 47 4.25 22.11 34.10
N LEU A 48 4.89 20.95 33.98
CA LEU A 48 6.16 20.69 34.65
C LEU A 48 7.29 21.41 33.92
N ALA A 49 7.27 21.33 32.58
CA ALA A 49 8.25 22.04 31.75
C ALA A 49 8.26 23.53 32.07
N SER A 50 7.09 24.05 32.47
CA SER A 50 6.94 25.46 32.83
C SER A 50 7.70 25.86 34.11
N GLN A 51 7.76 24.95 35.08
CA GLN A 51 8.42 25.22 36.36
C GLN A 51 9.93 25.22 36.25
N CYS A 52 10.49 24.06 35.90
CA CYS A 52 11.93 23.86 35.83
C CYS A 52 12.53 24.35 34.52
N THR A 53 13.86 24.32 34.44
CA THR A 53 14.61 24.75 33.25
C THR A 53 15.00 23.58 32.38
N ALA A 54 15.34 23.87 31.13
CA ALA A 54 15.72 22.87 30.12
C ALA A 54 16.51 21.67 30.66
N GLN A 55 17.50 21.95 31.49
CA GLN A 55 18.35 20.92 32.08
C GLN A 55 17.67 20.23 33.27
N GLU A 56 17.14 21.03 34.18
CA GLU A 56 16.43 20.56 35.37
C GLU A 56 15.31 19.56 35.01
N LEU A 57 14.78 19.70 33.80
CA LEU A 57 13.77 18.79 33.28
C LEU A 57 14.37 17.43 32.94
N VAL A 58 15.46 17.47 32.17
CA VAL A 58 16.13 16.25 31.69
C VAL A 58 16.63 15.39 32.86
N MET A 59 17.05 16.03 33.94
CA MET A 59 17.45 15.33 35.17
C MET A 59 16.29 14.53 35.75
N THR A 60 15.12 15.18 35.85
CA THR A 60 13.90 14.56 36.35
C THR A 60 13.39 13.47 35.40
N LEU A 61 13.60 13.70 34.10
CA LEU A 61 13.21 12.75 33.06
C LEU A 61 14.12 11.51 33.04
N ASN A 62 15.42 11.74 33.12
CA ASN A 62 16.41 10.65 33.15
C ASN A 62 16.31 9.82 34.42
N GLU A 63 16.07 10.50 35.53
CA GLU A 63 15.92 9.84 36.83
C GLU A 63 14.71 8.92 36.87
N LEU A 64 13.60 9.37 36.29
CA LEU A 64 12.37 8.58 36.25
C LEU A 64 12.49 7.38 35.30
N PHE A 65 13.11 7.59 34.14
CA PHE A 65 13.21 6.52 33.14
C PHE A 65 14.34 5.54 33.41
N ALA A 66 15.32 5.94 34.22
CA ALA A 66 16.31 5.01 34.76
C ALA A 66 15.62 4.17 35.83
N ARG A 67 14.82 4.84 36.66
CA ARG A 67 13.97 4.19 37.65
C ARG A 67 13.04 3.19 36.94
N PHE A 68 12.39 3.65 35.87
CA PHE A 68 11.47 2.83 35.10
C PHE A 68 12.14 1.58 34.54
N ASP A 69 13.36 1.76 34.05
CA ASP A 69 14.12 0.69 33.40
C ASP A 69 14.34 -0.53 34.29
N LYS A 70 14.63 -0.29 35.57
CA LYS A 70 14.81 -1.37 36.56
C LYS A 70 13.53 -2.19 36.71
N LEU A 71 12.42 -1.50 36.91
CA LEU A 71 11.11 -2.12 37.14
C LEU A 71 10.73 -3.06 36.01
N ALA A 72 11.05 -2.67 34.78
CA ALA A 72 10.78 -3.48 33.59
C ALA A 72 11.51 -4.82 33.62
N ALA A 73 12.76 -4.80 34.11
CA ALA A 73 13.61 -5.99 34.17
C ALA A 73 13.08 -6.99 35.19
N GLU A 74 12.59 -6.48 36.32
CA GLU A 74 11.92 -7.29 37.34
C GLU A 74 10.61 -7.83 36.78
N ASN A 75 9.73 -6.91 36.39
CA ASN A 75 8.42 -7.26 35.88
C ASN A 75 8.46 -7.83 34.46
N HIS A 76 9.58 -8.47 34.13
CA HIS A 76 9.74 -9.27 32.91
C HIS A 76 9.25 -8.60 31.62
N CYS A 77 9.37 -7.28 31.57
CA CYS A 77 9.08 -6.49 30.38
C CYS A 77 10.39 -6.10 29.71
N LEU A 78 10.42 -6.20 28.39
CA LEU A 78 11.52 -5.67 27.61
C LEU A 78 11.14 -4.27 27.08
N ARG A 79 11.83 -3.26 27.57
CA ARG A 79 11.59 -1.87 27.18
C ARG A 79 11.95 -1.65 25.73
N ILE A 80 11.09 -0.93 25.00
CA ILE A 80 11.32 -0.66 23.59
C ILE A 80 12.06 0.66 23.36
N LYS A 81 11.33 1.78 23.40
CA LYS A 81 11.91 3.09 23.14
C LYS A 81 11.41 4.13 24.13
N ILE A 82 12.12 5.25 24.22
CA ILE A 82 11.64 6.42 24.94
C ILE A 82 11.43 7.57 23.95
N LEU A 83 10.18 7.98 23.79
CA LEU A 83 9.82 9.04 22.85
C LEU A 83 9.42 10.31 23.59
N GLY A 84 10.43 11.07 24.01
CA GLY A 84 10.21 12.28 24.79
C GLY A 84 9.59 11.96 26.14
N ASP A 85 8.28 12.15 26.24
CA ASP A 85 7.55 11.85 27.47
C ASP A 85 6.79 10.51 27.37
N CYS A 86 7.07 9.75 26.31
CA CYS A 86 6.44 8.48 26.05
C CYS A 86 7.38 7.30 26.34
N TYR A 87 6.98 6.48 27.30
CA TYR A 87 7.72 5.28 27.68
C TYR A 87 6.86 4.08 27.29
N TYR A 88 7.46 3.11 26.61
CA TYR A 88 6.72 1.89 26.29
C TYR A 88 7.56 0.61 26.19
N CYS A 89 7.13 -0.39 26.96
CA CYS A 89 7.73 -1.72 26.99
C CYS A 89 6.76 -2.75 26.42
N VAL A 90 7.10 -4.03 26.58
CA VAL A 90 6.23 -5.13 26.17
C VAL A 90 6.67 -6.46 26.79
N SER A 91 5.80 -7.06 27.60
CA SER A 91 6.07 -8.37 28.17
C SER A 91 5.75 -9.44 27.15
N GLY A 92 6.32 -10.63 27.33
CA GLY A 92 6.21 -11.69 26.35
C GLY A 92 7.37 -11.66 25.36
N LEU A 93 8.26 -10.71 25.55
CA LEU A 93 9.51 -10.64 24.78
C LEU A 93 10.69 -10.42 25.72
N PRO A 94 11.90 -10.88 25.32
CA PRO A 94 12.33 -11.46 24.02
C PRO A 94 11.83 -12.88 23.76
N GLU A 95 11.55 -13.61 24.83
CA GLU A 95 11.08 -14.98 24.72
C GLU A 95 9.73 -15.12 25.40
N ALA A 96 8.90 -16.00 24.84
CA ALA A 96 7.49 -16.19 25.27
C ALA A 96 7.28 -16.32 26.79
N ARG A 97 6.10 -15.92 27.24
CA ARG A 97 5.75 -15.94 28.66
C ARG A 97 4.24 -16.03 28.88
N ALA A 98 3.83 -16.90 29.80
CA ALA A 98 2.42 -17.07 30.16
C ALA A 98 1.97 -16.00 31.15
N ASP A 99 2.94 -15.27 31.70
CA ASP A 99 2.68 -14.15 32.60
C ASP A 99 2.43 -12.86 31.82
N HIS A 100 2.66 -12.90 30.51
CA HIS A 100 2.79 -11.68 29.69
C HIS A 100 1.78 -10.58 29.98
N ALA A 101 0.55 -10.94 30.31
CA ALA A 101 -0.45 -9.95 30.72
C ALA A 101 -0.14 -9.41 32.12
N HIS A 102 -0.03 -10.31 33.10
CA HIS A 102 0.13 -9.95 34.51
C HIS A 102 1.34 -9.05 34.78
N CYS A 103 2.39 -9.22 33.97
CA CYS A 103 3.60 -8.43 34.10
C CYS A 103 3.35 -6.95 33.82
N CYS A 104 2.73 -6.66 32.67
CA CYS A 104 2.40 -5.29 32.29
C CYS A 104 1.49 -4.63 33.32
N VAL A 105 0.53 -5.39 33.82
CA VAL A 105 -0.37 -4.91 34.87
C VAL A 105 0.45 -4.54 36.11
N GLU A 106 1.33 -5.44 36.53
CA GLU A 106 2.22 -5.18 37.65
C GLU A 106 3.23 -4.08 37.33
N MET A 107 3.53 -3.90 36.05
CA MET A 107 4.44 -2.85 35.60
C MET A 107 3.82 -1.47 35.79
N GLY A 108 2.64 -1.26 35.21
CA GLY A 108 1.91 0.00 35.32
C GLY A 108 1.68 0.40 36.75
N MET A 109 1.39 -0.61 37.59
CA MET A 109 1.23 -0.42 39.03
C MET A 109 2.47 0.24 39.62
N ASP A 110 3.62 -0.42 39.46
CA ASP A 110 4.91 0.11 39.92
C ASP A 110 5.22 1.49 39.32
N MET A 111 4.77 1.72 38.09
CA MET A 111 5.02 2.98 37.37
C MET A 111 4.23 4.15 37.95
N ILE A 112 2.97 3.90 38.29
CA ILE A 112 2.12 4.90 38.95
C ILE A 112 2.63 5.17 40.38
N GLU A 113 3.26 4.16 40.96
CA GLU A 113 3.92 4.29 42.26
C GLU A 113 5.25 5.05 42.10
N ALA A 114 5.96 4.77 41.01
CA ALA A 114 7.26 5.38 40.74
C ALA A 114 7.18 6.86 40.39
N ILE A 115 6.08 7.28 39.79
CA ILE A 115 5.83 8.69 39.52
C ILE A 115 5.45 9.43 40.81
N SER A 116 4.77 8.75 41.72
CA SER A 116 4.28 9.33 42.97
C SER A 116 5.39 10.05 43.72
N LEU A 117 6.44 9.30 44.06
CA LEU A 117 7.57 9.80 44.86
C LEU A 117 8.25 11.00 44.22
N VAL A 118 8.38 10.95 42.90
CA VAL A 118 9.04 12.01 42.13
C VAL A 118 8.11 13.22 41.96
N ARG A 119 6.81 12.98 41.98
CA ARG A 119 5.78 14.03 41.91
C ARG A 119 5.72 14.82 43.22
N GLU A 120 5.75 14.11 44.34
CA GLU A 120 5.78 14.70 45.68
C GLU A 120 7.04 15.54 45.89
N MET A 121 8.09 15.20 45.16
CA MET A 121 9.37 15.89 45.23
C MET A 121 9.32 17.25 44.52
N THR A 122 8.37 17.40 43.60
CA THR A 122 8.19 18.66 42.88
C THR A 122 7.06 19.48 43.50
N GLY A 123 5.97 18.80 43.85
CA GLY A 123 4.80 19.44 44.44
C GLY A 123 3.84 20.01 43.41
N VAL A 124 3.68 19.29 42.30
CA VAL A 124 2.80 19.69 41.20
C VAL A 124 2.08 18.47 40.60
N ASN A 125 0.85 18.69 40.12
CA ASN A 125 -0.01 17.61 39.61
C ASN A 125 0.49 16.94 38.30
N VAL A 126 1.44 16.02 38.44
CA VAL A 126 1.91 15.21 37.31
C VAL A 126 1.61 13.73 37.54
N ASN A 127 1.24 13.04 36.46
CA ASN A 127 0.82 11.65 36.57
C ASN A 127 1.09 10.83 35.31
N MET A 128 1.14 9.51 35.48
CA MET A 128 1.28 8.58 34.37
C MET A 128 -0.08 8.13 33.85
N ARG A 129 -0.20 8.05 32.52
CA ARG A 129 -1.41 7.56 31.89
C ARG A 129 -1.08 6.28 31.13
N VAL A 130 -1.52 5.14 31.67
CA VAL A 130 -1.13 3.83 31.16
C VAL A 130 -2.16 3.27 30.18
N GLY A 131 -1.70 2.43 29.26
CA GLY A 131 -2.56 1.73 28.30
C GLY A 131 -1.91 0.44 27.84
N ILE A 132 -2.67 -0.65 27.84
CA ILE A 132 -2.14 -1.96 27.48
C ILE A 132 -3.13 -2.72 26.60
N HIS A 133 -2.62 -3.24 25.49
CA HIS A 133 -3.35 -4.21 24.70
C HIS A 133 -2.50 -5.50 24.61
N SER A 134 -3.07 -6.57 24.08
CA SER A 134 -2.36 -7.84 23.88
C SER A 134 -2.39 -8.30 22.42
N GLY A 135 -1.81 -9.45 22.12
CA GLY A 135 -1.97 -10.04 20.80
C GLY A 135 -0.68 -10.40 20.10
N ARG A 136 -0.56 -9.96 18.85
CA ARG A 136 0.59 -10.28 18.03
C ARG A 136 1.37 -9.04 17.62
N VAL A 137 2.67 -9.18 17.55
CA VAL A 137 3.54 -8.10 17.11
C VAL A 137 4.53 -8.61 16.07
N HIS A 138 5.16 -7.66 15.39
CA HIS A 138 6.41 -7.92 14.72
C HIS A 138 7.42 -7.07 15.44
N CYS A 139 8.65 -7.56 15.54
CA CYS A 139 9.69 -6.84 16.27
C CYS A 139 11.04 -6.98 15.60
N GLY A 140 11.86 -5.95 15.78
CA GLY A 140 13.21 -5.94 15.24
C GLY A 140 13.69 -4.53 14.94
N VAL A 141 14.38 -4.38 13.82
CA VAL A 141 14.92 -3.07 13.45
C VAL A 141 14.69 -2.72 11.98
N LEU A 142 14.63 -1.42 11.72
CA LEU A 142 14.44 -0.90 10.36
C LEU A 142 15.66 -0.08 9.93
N GLY A 143 15.94 -0.13 8.62
CA GLY A 143 17.00 0.69 8.03
C GLY A 143 18.38 0.07 8.08
N LEU A 144 19.39 0.91 8.21
CA LEU A 144 20.77 0.47 8.26
C LEU A 144 21.47 1.15 9.43
N ARG A 145 21.41 2.48 9.42
CA ARG A 145 22.08 3.30 10.44
C ARG A 145 21.19 3.47 11.66
N LYS A 146 21.83 3.50 12.83
CA LYS A 146 21.18 3.85 14.12
C LYS A 146 20.03 2.95 14.54
N TRP A 147 20.29 1.65 14.55
CA TRP A 147 19.28 0.64 14.96
C TRP A 147 18.78 0.85 16.38
N GLN A 148 17.46 0.71 16.54
CA GLN A 148 16.81 0.73 17.84
C GLN A 148 15.62 -0.23 17.79
N PHE A 149 15.76 -1.35 18.51
CA PHE A 149 14.73 -2.38 18.59
C PHE A 149 13.35 -1.76 18.80
N ASP A 150 12.42 -2.08 17.90
CA ASP A 150 11.06 -1.54 17.97
C ASP A 150 10.04 -2.62 17.61
N VAL A 151 8.77 -2.36 17.93
CA VAL A 151 7.67 -3.25 17.58
C VAL A 151 6.67 -2.56 16.64
N TRP A 152 5.98 -3.36 15.83
CA TRP A 152 4.91 -2.86 14.97
C TRP A 152 3.79 -3.86 14.77
N SER A 153 2.55 -3.36 14.87
CA SER A 153 1.33 -4.06 14.45
C SER A 153 0.15 -3.24 14.90
N ASN A 154 -1.05 -3.64 14.48
CA ASN A 154 -2.28 -2.95 14.87
C ASN A 154 -2.48 -3.02 16.38
N ASP A 155 -1.96 -4.11 16.95
CA ASP A 155 -2.05 -4.37 18.37
C ASP A 155 -1.16 -3.41 19.15
N VAL A 156 -0.04 -3.04 18.55
CA VAL A 156 0.78 -1.98 19.10
C VAL A 156 0.01 -0.68 18.91
N THR A 157 -0.47 -0.48 17.68
CA THR A 157 -1.22 0.71 17.32
C THR A 157 -2.44 0.88 18.21
N LEU A 158 -3.07 -0.24 18.61
CA LEU A 158 -4.17 -0.22 19.56
C LEU A 158 -3.68 0.15 20.97
N ALA A 159 -2.67 -0.58 21.45
CA ALA A 159 -2.05 -0.30 22.74
C ALA A 159 -1.72 1.18 22.92
N ASN A 160 -1.15 1.79 21.87
CA ASN A 160 -0.83 3.21 21.86
C ASN A 160 -2.07 4.05 22.11
N HIS A 161 -3.16 3.72 21.41
CA HIS A 161 -4.41 4.43 21.53
C HIS A 161 -5.06 4.25 22.91
N MET A 162 -4.80 3.10 23.54
CA MET A 162 -5.27 2.84 24.89
C MET A 162 -4.70 3.85 25.86
N GLU A 163 -3.38 4.08 25.75
CA GLU A 163 -2.69 5.08 26.56
C GLU A 163 -3.26 6.47 26.26
N ALA A 164 -3.50 6.74 24.98
CA ALA A 164 -4.07 8.02 24.54
C ALA A 164 -5.47 8.21 25.09
N GLY A 165 -6.25 7.12 25.10
CA GLY A 165 -7.62 7.13 25.59
C GLY A 165 -7.69 6.70 27.04
N GLY A 166 -6.56 6.83 27.74
CA GLY A 166 -6.47 6.43 29.14
C GLY A 166 -6.98 7.49 30.11
N LYS A 167 -6.96 7.13 31.39
CA LYS A 167 -7.34 8.02 32.48
C LYS A 167 -6.17 8.17 33.43
N ALA A 168 -6.04 9.34 34.05
CA ALA A 168 -4.93 9.66 34.95
C ALA A 168 -4.75 8.63 36.07
N GLY A 169 -3.53 8.14 36.21
CA GLY A 169 -3.14 7.24 37.29
C GLY A 169 -3.95 5.96 37.37
N ARG A 170 -4.38 5.47 36.22
CA ARG A 170 -5.17 4.25 36.14
C ARG A 170 -4.69 3.42 34.96
N ILE A 171 -4.86 2.11 35.05
CA ILE A 171 -4.36 1.21 34.02
C ILE A 171 -5.45 0.76 33.03
N HIS A 172 -5.31 1.24 31.79
CA HIS A 172 -6.33 1.03 30.75
C HIS A 172 -6.07 -0.26 29.96
N ILE A 173 -6.93 -1.26 30.16
CA ILE A 173 -6.75 -2.56 29.51
C ILE A 173 -7.86 -2.94 28.51
N THR A 174 -7.53 -3.82 27.58
CA THR A 174 -8.41 -4.20 26.49
C THR A 174 -9.16 -5.49 26.75
N LYS A 175 -10.09 -5.81 25.84
CA LYS A 175 -10.85 -7.05 25.89
C LYS A 175 -9.94 -8.27 25.84
N ALA A 176 -8.86 -8.13 25.07
CA ALA A 176 -7.87 -9.19 24.90
C ALA A 176 -6.98 -9.32 26.14
N THR A 177 -6.78 -8.22 26.86
CA THR A 177 -5.87 -8.20 28.00
C THR A 177 -6.53 -8.78 29.26
N LEU A 178 -7.85 -8.92 29.22
CA LEU A 178 -8.58 -9.55 30.33
C LEU A 178 -8.62 -11.06 30.16
N SER A 179 -8.61 -11.52 28.91
CA SER A 179 -8.59 -12.95 28.59
C SER A 179 -7.20 -13.60 28.69
N TYR A 180 -6.20 -12.79 29.00
CA TYR A 180 -4.85 -13.30 29.31
C TYR A 180 -4.56 -13.11 30.80
N LEU A 181 -5.48 -12.44 31.49
CA LEU A 181 -5.30 -12.10 32.90
C LEU A 181 -5.71 -13.24 33.83
N ASN A 182 -6.65 -14.07 33.36
CA ASN A 182 -7.30 -15.08 34.20
C ASN A 182 -7.99 -14.49 35.42
N GLY A 183 -8.46 -13.24 35.28
CA GLY A 183 -9.23 -12.55 36.31
C GLY A 183 -8.65 -12.61 37.71
N ASP A 184 -7.49 -12.00 37.90
CA ASP A 184 -6.85 -11.91 39.21
C ASP A 184 -7.04 -10.51 39.77
N TYR A 185 -6.99 -9.53 38.87
CA TYR A 185 -7.21 -8.12 39.22
C TYR A 185 -8.68 -7.77 39.04
N GLU A 186 -9.17 -6.87 39.88
CA GLU A 186 -10.57 -6.45 39.85
C GLU A 186 -10.75 -5.25 38.93
N VAL A 187 -11.63 -5.41 37.94
CA VAL A 187 -11.81 -4.41 36.89
C VAL A 187 -13.12 -3.64 36.96
N GLU A 188 -13.23 -2.59 36.15
CA GLU A 188 -14.43 -1.78 36.04
C GLU A 188 -14.54 -1.18 34.63
N PRO A 189 -15.78 -0.86 34.19
CA PRO A 189 -16.03 -0.27 32.87
C PRO A 189 -15.01 0.80 32.49
N GLY A 190 -14.49 0.71 31.27
CA GLY A 190 -13.43 1.59 30.81
C GLY A 190 -13.94 2.82 30.09
N CYS A 191 -14.89 2.62 29.18
CA CYS A 191 -15.47 3.70 28.39
C CYS A 191 -14.40 4.41 27.55
N GLY A 192 -13.63 3.63 26.80
CA GLY A 192 -12.56 4.15 25.96
C GLY A 192 -13.06 4.79 24.67
N GLY A 193 -14.26 4.40 24.25
CA GLY A 193 -14.88 4.94 23.06
C GLY A 193 -15.09 6.44 23.13
N GLU A 194 -15.29 6.95 24.34
CA GLU A 194 -15.52 8.37 24.56
C GLU A 194 -14.23 9.21 24.66
N ARG A 195 -13.10 8.56 24.92
CA ARG A 195 -11.82 9.26 25.04
C ARG A 195 -10.95 9.19 23.78
N ASN A 196 -11.35 8.37 22.81
CA ASN A 196 -10.57 8.19 21.58
C ASN A 196 -11.38 7.60 20.42
N ALA A 197 -11.25 8.22 19.26
CA ALA A 197 -12.04 7.87 18.07
C ALA A 197 -11.70 6.53 17.44
N TYR A 198 -10.42 6.15 17.51
CA TYR A 198 -9.96 4.86 16.98
C TYR A 198 -10.55 3.73 17.82
N LEU A 199 -10.67 3.97 19.13
CA LEU A 199 -11.30 3.04 20.06
C LEU A 199 -12.80 2.93 19.80
N LYS A 200 -13.45 4.08 19.60
CA LYS A 200 -14.88 4.15 19.31
C LYS A 200 -15.21 3.41 18.01
N GLU A 201 -14.56 3.82 16.92
CA GLU A 201 -14.83 3.29 15.58
C GLU A 201 -14.43 1.84 15.39
N HIS A 202 -13.82 1.24 16.42
CA HIS A 202 -13.50 -0.19 16.39
C HIS A 202 -14.21 -0.98 17.49
N SER A 203 -15.10 -0.31 18.21
CA SER A 203 -15.94 -0.91 19.26
C SER A 203 -15.18 -1.74 20.29
N ILE A 204 -14.05 -1.21 20.73
CA ILE A 204 -13.23 -1.86 21.75
C ILE A 204 -13.88 -1.68 23.13
N GLU A 205 -14.15 -2.80 23.79
CA GLU A 205 -14.58 -2.79 25.19
C GLU A 205 -13.33 -2.61 26.04
N THR A 206 -13.29 -1.53 26.81
CA THR A 206 -12.12 -1.24 27.65
C THR A 206 -12.46 -1.38 29.13
N PHE A 207 -11.44 -1.51 29.97
CA PHE A 207 -11.64 -1.69 31.40
C PHE A 207 -10.62 -0.89 32.20
N LEU A 208 -10.88 -0.73 33.50
CA LEU A 208 -9.97 -0.05 34.41
C LEU A 208 -9.69 -0.90 35.65
N ILE A 209 -8.60 -0.59 36.36
CA ILE A 209 -8.11 -1.47 37.42
C ILE A 209 -8.29 -0.93 38.84
N LEU A 210 -8.74 -1.81 39.73
CA LEU A 210 -9.03 -1.46 41.12
C LEU A 210 -8.06 -2.14 42.09
N HIS B 10 27.36 13.50 29.12
CA HIS B 10 26.41 14.10 28.13
C HIS B 10 26.15 15.59 28.42
N GLN B 11 26.12 16.39 27.35
CA GLN B 11 26.21 17.86 27.47
C GLN B 11 25.06 18.63 26.82
N SER B 12 25.05 19.94 27.03
CA SER B 12 24.11 20.86 26.38
C SER B 12 24.71 21.48 25.10
N TYR B 13 23.87 22.18 24.34
CA TYR B 13 24.27 22.81 23.09
C TYR B 13 23.56 24.15 22.95
N ASP B 14 23.76 24.85 21.84
CA ASP B 14 23.18 26.20 21.66
C ASP B 14 22.45 26.44 20.33
N CYS B 15 23.04 26.01 19.22
CA CYS B 15 22.40 26.16 17.91
C CYS B 15 22.36 24.86 17.10
N VAL B 16 21.37 24.03 17.40
CA VAL B 16 21.19 22.75 16.74
C VAL B 16 19.94 22.81 15.87
N CYS B 17 20.06 22.34 14.63
CA CYS B 17 18.93 22.34 13.68
C CYS B 17 18.26 20.95 13.60
N VAL B 18 17.03 20.85 14.11
CA VAL B 18 16.30 19.57 14.17
C VAL B 18 15.27 19.44 13.06
N MET B 19 15.28 18.29 12.39
CA MET B 19 14.27 18.00 11.36
C MET B 19 13.49 16.74 11.67
N PHE B 20 12.17 16.85 11.64
CA PHE B 20 11.27 15.69 11.63
C PHE B 20 10.63 15.58 10.26
N ALA B 21 10.71 14.37 9.69
CA ALA B 21 9.97 14.06 8.49
C ALA B 21 9.23 12.74 8.67
N SER B 22 7.90 12.81 8.71
CA SER B 22 7.07 11.60 8.82
C SER B 22 6.41 11.28 7.49
N ILE B 23 5.74 10.13 7.42
CA ILE B 23 4.97 9.72 6.25
C ILE B 23 3.53 9.41 6.63
N PRO B 24 2.64 10.39 6.50
CA PRO B 24 1.22 10.23 6.85
C PRO B 24 0.55 9.13 6.02
N ASP B 25 0.84 9.10 4.72
CA ASP B 25 0.25 8.14 3.79
C ASP B 25 0.56 6.67 4.11
N PHE B 26 1.57 6.44 4.93
CA PHE B 26 2.02 5.07 5.22
C PHE B 26 1.07 4.28 6.11
N LYS B 27 0.54 4.91 7.16
CA LYS B 27 -0.35 4.23 8.12
C LYS B 27 -1.54 3.57 7.42
N GLU B 28 -2.09 4.25 6.43
CA GLU B 28 -3.16 3.70 5.61
C GLU B 28 -2.67 2.47 4.87
N PHE B 29 -1.54 2.61 4.17
CA PHE B 29 -0.92 1.56 3.35
C PHE B 29 -0.64 0.30 4.14
N TYR B 30 -0.38 0.47 5.44
CA TYR B 30 -0.19 -0.67 6.33
C TYR B 30 -1.44 -1.55 6.39
N THR B 31 -1.23 -2.84 6.18
CA THR B 31 -2.28 -3.84 6.22
C THR B 31 -1.82 -5.01 7.08
N GLU B 32 -2.75 -5.86 7.48
CA GLU B 32 -2.45 -7.14 8.12
C GLU B 32 -3.38 -8.21 7.55
N SER B 33 -2.86 -8.93 6.56
CA SER B 33 -3.60 -10.01 5.90
C SER B 33 -2.68 -11.20 5.67
N ASP B 34 -3.27 -12.36 5.45
CA ASP B 34 -2.52 -13.59 5.17
C ASP B 34 -1.65 -13.46 3.92
N VAL B 35 -2.11 -12.65 2.97
CA VAL B 35 -1.41 -12.42 1.71
C VAL B 35 -0.10 -11.65 1.92
N ASN B 36 -0.14 -10.62 2.75
CA ASN B 36 1.07 -9.83 3.06
C ASN B 36 1.83 -10.36 4.28
N LYS B 37 1.66 -11.64 4.56
CA LYS B 37 2.25 -12.30 5.75
C LYS B 37 2.05 -11.49 7.04
N GLU B 38 0.81 -11.02 7.22
CA GLU B 38 0.34 -10.37 8.44
C GLU B 38 1.10 -9.08 8.76
N GLY B 39 1.25 -8.24 7.74
CA GLY B 39 1.90 -6.95 7.87
C GLY B 39 3.41 -6.94 7.78
N LEU B 40 3.99 -8.06 7.34
CA LEU B 40 5.43 -8.14 7.21
C LEU B 40 5.91 -7.48 5.93
N GLU B 41 5.20 -7.69 4.83
CA GLU B 41 5.59 -7.12 3.55
C GLU B 41 5.45 -5.61 3.58
N CYS B 42 4.46 -5.13 4.33
CA CYS B 42 4.30 -3.69 4.52
C CYS B 42 5.54 -3.11 5.22
N LEU B 43 5.87 -3.66 6.38
CA LEU B 43 7.11 -3.34 7.09
C LEU B 43 8.35 -3.60 6.26
N ARG B 44 8.24 -4.39 5.21
CA ARG B 44 9.39 -4.68 4.35
C ARG B 44 9.71 -3.52 3.41
N LEU B 45 8.66 -2.89 2.88
CA LEU B 45 8.83 -1.71 2.05
C LEU B 45 9.32 -0.54 2.89
N LEU B 46 8.82 -0.45 4.12
CA LEU B 46 9.24 0.60 5.03
C LEU B 46 10.73 0.52 5.25
N ASN B 47 11.23 -0.69 5.44
CA ASN B 47 12.65 -0.94 5.56
C ASN B 47 13.38 -0.34 4.35
N GLU B 48 12.96 -0.74 3.15
CA GLU B 48 13.56 -0.24 1.91
C GLU B 48 13.63 1.29 1.87
N ILE B 49 12.56 1.95 2.33
CA ILE B 49 12.50 3.41 2.36
C ILE B 49 13.49 4.00 3.36
N ILE B 50 13.41 3.58 4.63
CA ILE B 50 14.31 4.06 5.68
C ILE B 50 15.76 3.82 5.27
N ALA B 51 16.04 2.61 4.78
CA ALA B 51 17.37 2.24 4.32
C ALA B 51 17.87 3.14 3.20
N ASP B 52 16.95 3.63 2.37
CA ASP B 52 17.29 4.62 1.35
C ASP B 52 17.64 5.96 2.00
N PHE B 53 16.98 6.27 3.10
CA PHE B 53 17.21 7.52 3.83
C PHE B 53 18.53 7.46 4.59
N ASP B 54 18.92 6.25 4.99
CA ASP B 54 20.20 6.07 5.67
C ASP B 54 21.35 6.13 4.69
N ASP B 55 21.08 5.77 3.42
CA ASP B 55 22.08 5.84 2.35
C ASP B 55 22.47 7.27 1.96
N LEU B 56 21.93 8.24 2.70
CA LEU B 56 22.21 9.65 2.46
C LEU B 56 23.20 10.23 3.46
N LEU B 57 23.27 9.61 4.63
CA LEU B 57 24.14 10.09 5.70
C LEU B 57 25.61 9.88 5.37
N SER B 58 25.89 8.86 4.56
CA SER B 58 27.26 8.54 4.13
C SER B 58 27.79 9.52 3.08
N LYS B 59 26.87 10.24 2.42
CA LYS B 59 27.26 11.27 1.45
C LYS B 59 28.15 12.34 2.08
N PRO B 60 28.97 13.03 1.26
CA PRO B 60 29.97 13.93 1.84
C PRO B 60 29.33 15.24 2.31
N LYS B 61 28.49 15.84 1.48
CA LYS B 61 27.80 17.08 1.82
C LYS B 61 26.77 16.89 2.95
N PHE B 62 26.53 15.64 3.33
CA PHE B 62 25.64 15.33 4.44
C PHE B 62 26.37 14.72 5.64
N SER B 63 27.70 14.85 5.65
CA SER B 63 28.53 14.37 6.75
C SER B 63 28.17 15.02 8.09
N GLY B 64 27.62 16.24 8.01
CA GLY B 64 27.19 16.98 9.19
C GLY B 64 25.86 16.50 9.75
N VAL B 65 25.11 15.75 8.94
CA VAL B 65 23.80 15.24 9.35
C VAL B 65 23.93 14.01 10.25
N GLU B 66 23.42 14.11 11.48
CA GLU B 66 23.45 12.99 12.41
C GLU B 66 22.05 12.47 12.69
N LYS B 67 21.71 11.31 12.13
CA LYS B 67 20.40 10.68 12.35
C LYS B 67 20.24 10.29 13.82
N ILE B 68 19.13 10.71 14.42
CA ILE B 68 18.84 10.44 15.83
C ILE B 68 18.11 9.11 16.05
N LYS B 69 16.95 8.96 15.40
CA LYS B 69 16.07 7.79 15.57
C LYS B 69 15.00 7.81 14.49
N THR B 70 14.13 6.79 14.48
CA THR B 70 12.97 6.78 13.57
C THR B 70 11.68 6.34 14.24
N ILE B 71 10.73 7.26 14.34
CA ILE B 71 9.44 6.97 14.95
C ILE B 71 8.45 6.42 13.92
N GLY B 72 8.29 5.11 13.86
CA GLY B 72 7.39 4.50 12.89
C GLY B 72 7.84 4.77 11.47
N SER B 73 7.23 5.78 10.86
CA SER B 73 7.65 6.24 9.53
C SER B 73 8.24 7.64 9.60
N THR B 74 8.25 8.19 10.81
CA THR B 74 8.85 9.50 11.07
C THR B 74 10.36 9.38 11.21
N TYR B 75 11.08 9.99 10.26
CA TYR B 75 12.55 10.04 10.26
C TYR B 75 13.04 11.29 10.99
N MET B 76 13.88 11.10 12.01
CA MET B 76 14.33 12.21 12.88
C MET B 76 15.83 12.43 12.89
N ALA B 77 16.27 13.62 12.50
CA ALA B 77 17.70 13.93 12.35
C ALA B 77 18.06 15.34 12.80
N ALA B 78 19.36 15.59 12.97
CA ALA B 78 19.84 16.88 13.47
C ALA B 78 21.22 17.26 12.91
N THR B 79 21.44 18.56 12.69
CA THR B 79 22.73 19.09 12.23
C THR B 79 23.31 20.14 13.17
N GLY B 80 24.61 20.01 13.45
CA GLY B 80 25.31 20.94 14.34
C GLY B 80 25.70 20.34 15.68
N LEU B 81 25.68 19.01 15.78
CA LEU B 81 26.12 18.30 16.99
C LEU B 81 27.64 18.06 16.97
N SER B 82 28.27 18.40 15.84
CA SER B 82 29.71 18.26 15.66
C SER B 82 30.43 19.60 15.77
N GLN B 96 28.40 28.97 10.21
CA GLN B 96 27.73 29.54 11.37
C GLN B 96 26.26 29.13 11.41
N TYR B 97 25.56 29.32 10.29
CA TYR B 97 24.19 28.88 10.12
C TYR B 97 24.04 28.01 8.88
N MET B 98 25.19 27.66 8.30
CA MET B 98 25.28 26.78 7.14
C MET B 98 24.75 25.37 7.49
N HIS B 99 24.73 25.04 8.78
CA HIS B 99 24.21 23.77 9.29
C HIS B 99 22.68 23.68 9.24
N ILE B 100 22.02 24.83 9.26
CA ILE B 100 20.56 24.92 9.05
C ILE B 100 20.19 24.69 7.59
N GLY B 101 20.98 25.26 6.69
CA GLY B 101 20.80 25.06 5.26
C GLY B 101 21.04 23.62 4.85
N THR B 102 22.04 22.99 5.45
CA THR B 102 22.34 21.59 5.15
C THR B 102 21.09 20.75 5.39
N MET B 103 20.52 20.86 6.59
CA MET B 103 19.31 20.12 6.95
C MET B 103 18.19 20.20 5.89
N VAL B 104 18.07 21.36 5.24
CA VAL B 104 17.10 21.54 4.16
C VAL B 104 17.52 20.75 2.91
N GLU B 105 18.78 20.87 2.50
CA GLU B 105 19.26 20.10 1.36
C GLU B 105 19.10 18.61 1.63
N PHE B 106 19.17 18.23 2.90
CA PHE B 106 18.95 16.85 3.36
C PHE B 106 17.50 16.48 3.24
N ALA B 107 16.63 17.35 3.73
CA ALA B 107 15.19 17.13 3.72
C ALA B 107 14.65 17.08 2.29
N TYR B 108 15.21 17.93 1.41
CA TYR B 108 14.98 17.80 -0.04
C TYR B 108 15.36 16.39 -0.49
N ALA B 109 16.60 16.01 -0.26
CA ALA B 109 17.11 14.67 -0.59
C ALA B 109 16.18 13.49 -0.24
N LEU B 110 15.58 13.50 0.94
CA LEU B 110 14.67 12.43 1.36
C LEU B 110 13.51 12.32 0.40
N VAL B 111 13.11 13.46 -0.15
CA VAL B 111 12.04 13.55 -1.14
C VAL B 111 12.45 12.82 -2.41
N GLY B 112 13.69 13.02 -2.84
CA GLY B 112 14.22 12.30 -3.99
C GLY B 112 14.27 10.80 -3.75
N LYS B 113 14.57 10.45 -2.50
CA LYS B 113 14.60 9.06 -2.07
C LYS B 113 13.21 8.47 -1.94
N LEU B 114 12.26 9.27 -1.44
CA LEU B 114 10.88 8.81 -1.28
C LEU B 114 10.16 8.76 -2.60
N ASP B 115 10.49 9.69 -3.49
CA ASP B 115 10.00 9.65 -4.87
C ASP B 115 10.52 8.41 -5.60
N ALA B 116 11.83 8.18 -5.54
CA ALA B 116 12.43 7.02 -6.20
C ALA B 116 11.63 5.75 -5.93
N ILE B 117 11.33 5.51 -4.65
CA ILE B 117 10.51 4.39 -4.21
C ILE B 117 9.18 4.33 -4.98
N ASN B 118 8.46 5.45 -4.99
CA ASN B 118 7.19 5.56 -5.72
C ASN B 118 7.24 5.05 -7.15
N LYS B 119 8.31 5.37 -7.87
CA LYS B 119 8.49 4.90 -9.23
C LYS B 119 8.35 3.39 -9.27
N HIS B 120 9.17 2.72 -8.47
CA HIS B 120 9.23 1.26 -8.46
C HIS B 120 8.11 0.56 -7.69
N SER B 121 7.59 1.21 -6.65
CA SER B 121 6.65 0.58 -5.73
C SER B 121 5.18 0.89 -6.03
N PHE B 122 4.95 1.55 -7.16
CA PHE B 122 3.60 1.89 -7.63
C PHE B 122 2.75 2.58 -6.56
N ASN B 123 3.42 3.34 -5.69
CA ASN B 123 2.77 4.06 -4.61
C ASN B 123 2.92 5.57 -4.78
N ASP B 124 2.31 6.32 -3.86
CA ASP B 124 2.20 7.77 -3.98
C ASP B 124 2.52 8.46 -2.65
N PHE B 125 3.57 7.98 -1.99
CA PHE B 125 3.96 8.53 -0.71
C PHE B 125 4.44 9.96 -0.84
N LYS B 126 4.02 10.79 0.10
CA LYS B 126 4.48 12.17 0.19
C LYS B 126 5.05 12.39 1.58
N LEU B 127 6.22 13.00 1.62
CA LEU B 127 6.90 13.30 2.87
C LEU B 127 6.47 14.67 3.37
N ARG B 128 6.47 14.83 4.69
CA ARG B 128 6.01 16.06 5.32
C ARG B 128 7.04 16.50 6.33
N VAL B 129 7.64 17.66 6.09
CA VAL B 129 8.87 18.06 6.80
C VAL B 129 8.67 19.25 7.74
N GLY B 130 9.10 19.07 8.98
CA GLY B 130 9.16 20.15 9.96
C GLY B 130 10.60 20.37 10.43
N ILE B 131 11.08 21.60 10.33
CA ILE B 131 12.46 21.93 10.69
C ILE B 131 12.54 23.13 11.64
N ASN B 132 13.15 22.92 12.79
CA ASN B 132 13.38 23.99 13.76
C ASN B 132 14.85 24.08 14.19
N HIS B 133 15.16 25.06 15.04
CA HIS B 133 16.50 25.23 15.58
C HIS B 133 16.53 25.99 16.91
N GLY B 134 17.53 25.68 17.72
CA GLY B 134 17.74 26.37 18.98
C GLY B 134 18.54 25.50 19.94
N PRO B 135 18.59 25.91 21.22
CA PRO B 135 19.23 25.11 22.26
C PRO B 135 18.59 23.75 22.43
N VAL B 136 19.42 22.71 22.54
CA VAL B 136 18.98 21.37 22.92
C VAL B 136 19.96 20.78 23.95
N ILE B 137 19.54 19.69 24.59
CA ILE B 137 20.42 18.91 25.44
C ILE B 137 20.51 17.52 24.85
N ALA B 138 21.73 17.08 24.55
CA ALA B 138 21.95 15.78 23.94
C ALA B 138 22.61 14.83 24.92
N GLY B 139 22.16 13.58 24.93
CA GLY B 139 22.74 12.57 25.81
C GLY B 139 22.14 11.18 25.84
N VAL B 140 22.53 10.42 26.87
CA VAL B 140 22.08 9.05 27.06
C VAL B 140 21.04 8.96 28.18
N ILE B 141 20.04 8.12 28.00
CA ILE B 141 18.99 7.94 28.99
C ILE B 141 18.78 6.46 29.34
N GLY B 142 18.74 6.16 30.63
CA GLY B 142 18.61 4.78 31.11
C GLY B 142 19.91 4.00 31.03
N ALA B 143 20.19 3.24 32.09
CA ALA B 143 21.43 2.47 32.17
C ALA B 143 21.33 1.08 31.55
N GLN B 144 20.12 0.71 31.10
CA GLN B 144 19.89 -0.59 30.46
C GLN B 144 20.59 -0.68 29.10
N LYS B 145 19.95 -0.11 28.07
CA LYS B 145 20.61 0.07 26.77
C LYS B 145 20.78 1.56 26.48
N PRO B 146 21.99 2.10 26.71
CA PRO B 146 22.34 3.50 26.44
C PRO B 146 22.16 3.90 24.95
N GLN B 147 21.19 4.79 24.71
CA GLN B 147 20.89 5.27 23.36
C GLN B 147 20.86 6.81 23.29
N TYR B 148 21.43 7.34 22.21
CA TYR B 148 21.57 8.79 22.00
C TYR B 148 20.23 9.47 21.71
N ASP B 149 19.96 10.58 22.41
CA ASP B 149 18.71 11.32 22.27
C ASP B 149 18.86 12.80 22.66
N ILE B 150 18.07 13.66 22.02
CA ILE B 150 18.09 15.10 22.29
C ILE B 150 16.75 15.56 22.88
N TRP B 151 16.81 16.49 23.83
CA TRP B 151 15.62 16.93 24.55
C TRP B 151 15.49 18.44 24.60
N GLY B 152 14.30 18.91 24.93
CA GLY B 152 14.06 20.33 25.13
C GLY B 152 13.03 20.92 24.19
N ASN B 153 12.73 22.20 24.41
CA ASN B 153 11.72 22.92 23.64
C ASN B 153 11.96 22.85 22.13
N THR B 154 13.17 23.22 21.69
CA THR B 154 13.55 23.22 20.27
C THR B 154 13.01 22.01 19.51
N VAL B 155 13.25 20.82 20.08
CA VAL B 155 12.75 19.55 19.55
C VAL B 155 11.22 19.51 19.52
N ASN B 156 10.59 19.73 20.67
CA ASN B 156 9.13 19.73 20.78
C ASN B 156 8.44 20.54 19.69
N VAL B 157 9.06 21.65 19.31
CA VAL B 157 8.53 22.51 18.25
C VAL B 157 8.77 21.88 16.89
N ALA B 158 9.98 21.35 16.70
CA ALA B 158 10.36 20.66 15.49
C ALA B 158 9.32 19.60 15.14
N SER B 159 8.93 18.82 16.14
CA SER B 159 7.94 17.76 15.95
C SER B 159 6.56 18.36 15.68
N ARG B 160 6.19 19.38 16.45
CA ARG B 160 4.89 20.02 16.31
C ARG B 160 4.69 20.70 14.97
N MET B 161 5.79 21.05 14.31
CA MET B 161 5.71 21.67 13.00
C MET B 161 5.62 20.64 11.88
N ASP B 162 6.11 19.43 12.12
CA ASP B 162 5.90 18.34 11.18
C ASP B 162 4.41 17.99 11.18
N SER B 163 3.89 17.66 12.35
CA SER B 163 2.53 17.13 12.47
C SER B 163 1.45 18.11 11.99
N THR B 164 1.69 19.41 12.17
CA THR B 164 0.78 20.44 11.66
C THR B 164 1.18 20.93 10.25
N GLY B 165 1.98 20.12 9.56
CA GLY B 165 2.49 20.50 8.25
C GLY B 165 1.63 20.07 7.08
N VAL B 166 2.08 20.43 5.88
CA VAL B 166 1.43 20.04 4.63
C VAL B 166 2.39 19.16 3.83
N LEU B 167 1.85 18.26 3.01
CA LEU B 167 2.64 17.33 2.22
C LEU B 167 3.50 18.05 1.18
N ASP B 168 4.70 17.53 0.96
CA ASP B 168 5.65 18.09 -0.02
C ASP B 168 6.19 19.46 0.39
N LYS B 169 5.85 19.91 1.60
CA LYS B 169 6.23 21.23 2.08
C LYS B 169 7.06 21.15 3.36
N ILE B 170 8.05 22.05 3.49
CA ILE B 170 8.84 22.18 4.71
C ILE B 170 8.34 23.35 5.56
N GLN B 171 7.89 23.05 6.79
CA GLN B 171 7.38 24.07 7.69
C GLN B 171 8.45 24.53 8.67
N VAL B 172 8.59 25.85 8.80
CA VAL B 172 9.64 26.44 9.63
C VAL B 172 9.06 27.57 10.49
N THR B 173 9.70 27.82 11.63
CA THR B 173 9.31 28.91 12.52
C THR B 173 9.78 30.25 11.97
N GLU B 174 9.29 31.32 12.58
CA GLU B 174 9.66 32.69 12.20
C GLU B 174 11.18 32.94 12.20
N GLU B 175 11.88 32.36 13.18
CA GLU B 175 13.34 32.50 13.31
C GLU B 175 14.03 31.86 12.11
N THR B 176 13.70 30.60 11.86
CA THR B 176 14.26 29.84 10.76
C THR B 176 13.90 30.47 9.41
N SER B 177 12.69 31.00 9.33
CA SER B 177 12.22 31.71 8.15
C SER B 177 13.28 32.73 7.74
N LEU B 178 13.67 33.55 8.70
CA LEU B 178 14.64 34.61 8.50
C LEU B 178 15.99 34.06 8.05
N ILE B 179 16.55 33.16 8.85
CA ILE B 179 17.86 32.57 8.58
C ILE B 179 17.96 32.02 7.15
N LEU B 180 16.94 31.27 6.72
CA LEU B 180 16.88 30.73 5.37
C LEU B 180 16.80 31.82 4.31
N GLN B 181 16.21 32.96 4.67
CA GLN B 181 16.10 34.09 3.76
C GLN B 181 17.46 34.72 3.47
N THR B 182 18.37 34.68 4.45
CA THR B 182 19.75 35.14 4.23
C THR B 182 20.48 34.20 3.27
N LEU B 183 20.20 32.90 3.40
CA LEU B 183 20.87 31.86 2.59
C LEU B 183 20.26 31.67 1.21
N GLY B 184 19.25 32.47 0.86
CA GLY B 184 18.67 32.45 -0.47
C GLY B 184 17.42 31.59 -0.65
N TYR B 185 16.83 31.15 0.46
CA TYR B 185 15.56 30.43 0.42
C TYR B 185 14.41 31.41 0.67
N THR B 186 13.34 31.29 -0.12
CA THR B 186 12.14 32.11 0.07
C THR B 186 11.09 31.40 0.93
N CYS B 187 10.34 32.17 1.72
CA CYS B 187 9.33 31.61 2.62
C CYS B 187 7.94 32.21 2.40
N THR B 188 6.94 31.35 2.55
CA THR B 188 5.54 31.76 2.47
C THR B 188 4.88 31.44 3.80
N CYS B 189 4.30 32.46 4.43
CA CYS B 189 3.70 32.32 5.75
C CYS B 189 2.52 31.34 5.76
N ARG B 190 2.62 30.35 6.62
CA ARG B 190 1.55 29.35 6.81
C ARG B 190 0.38 30.01 7.51
N GLY B 191 0.68 30.84 8.48
CA GLY B 191 -0.34 31.42 9.34
C GLY B 191 0.14 31.31 10.77
N ILE B 192 -0.77 30.87 11.65
CA ILE B 192 -0.49 30.77 13.08
C ILE B 192 -0.76 29.35 13.59
N ILE B 193 0.01 28.92 14.58
CA ILE B 193 -0.16 27.59 15.19
C ILE B 193 -0.24 27.66 16.71
N ASN B 194 -1.13 26.88 17.30
CA ASN B 194 -1.19 26.74 18.75
C ASN B 194 -0.28 25.61 19.25
N VAL B 195 0.97 25.98 19.55
CA VAL B 195 1.95 25.05 20.12
C VAL B 195 1.63 24.81 21.59
N LYS B 196 1.46 23.54 21.95
CA LYS B 196 1.08 23.15 23.31
C LYS B 196 2.12 23.61 24.33
N GLY B 197 1.86 24.76 24.93
CA GLY B 197 2.74 25.30 25.98
C GLY B 197 3.53 26.53 25.58
N LYS B 198 3.64 26.78 24.27
CA LYS B 198 4.31 27.98 23.77
C LYS B 198 3.34 28.96 23.08
N GLY B 199 2.08 28.54 22.95
CA GLY B 199 0.99 29.39 22.46
C GLY B 199 0.91 29.55 20.96
N ASP B 200 0.31 30.66 20.53
CA ASP B 200 0.21 30.99 19.11
C ASP B 200 1.54 31.48 18.57
N LEU B 201 1.91 31.03 17.37
CA LEU B 201 3.11 31.54 16.69
C LEU B 201 3.08 31.39 15.16
N LYS B 202 3.83 32.26 14.50
CA LYS B 202 3.86 32.36 13.03
C LYS B 202 4.81 31.33 12.43
N THR B 203 4.38 30.71 11.33
CA THR B 203 5.11 29.61 10.68
C THR B 203 5.24 29.78 9.15
N TYR B 204 6.18 29.06 8.52
CA TYR B 204 6.48 29.32 7.10
C TYR B 204 6.75 28.07 6.27
N PHE B 205 6.60 28.22 4.95
CA PHE B 205 6.90 27.15 4.00
C PHE B 205 7.99 27.57 3.03
N VAL B 206 8.99 26.72 2.86
CA VAL B 206 10.04 27.01 1.90
C VAL B 206 9.51 26.70 0.50
N ASN B 207 9.82 27.58 -0.46
CA ASN B 207 9.28 27.49 -1.82
C ASN B 207 10.01 26.48 -2.70
N THR B 208 9.23 25.57 -3.29
CA THR B 208 9.72 24.38 -4.00
C THR B 208 10.83 24.68 -5.02
N ALA C 39 9.66 -27.62 -3.91
CA ALA C 39 8.65 -28.10 -4.89
C ALA C 39 7.43 -27.17 -4.97
N THR C 40 7.50 -26.04 -4.28
CA THR C 40 6.44 -25.02 -4.30
C THR C 40 6.92 -23.74 -5.00
N HIS C 41 6.17 -23.33 -6.02
CA HIS C 41 6.46 -22.10 -6.76
C HIS C 41 5.37 -21.05 -6.54
N ARG C 42 5.77 -19.80 -6.31
CA ARG C 42 4.79 -18.73 -6.12
C ARG C 42 4.76 -17.82 -7.34
N LEU C 43 3.69 -17.93 -8.11
CA LEU C 43 3.53 -17.10 -9.30
C LEU C 43 2.64 -15.91 -9.02
N LEU C 44 2.97 -14.79 -9.65
CA LEU C 44 2.26 -13.54 -9.46
C LEU C 44 1.78 -13.01 -10.81
N LEU C 45 0.49 -12.76 -10.91
CA LEU C 45 -0.14 -12.30 -12.13
C LEU C 45 -0.22 -10.78 -12.20
N LEU C 46 0.51 -10.20 -13.15
CA LEU C 46 0.54 -8.76 -13.33
C LEU C 46 0.06 -8.42 -14.73
N GLY C 47 -0.42 -7.18 -14.90
CA GLY C 47 -0.97 -6.72 -16.16
C GLY C 47 -1.96 -5.62 -15.87
N ALA C 48 -2.29 -4.81 -16.88
CA ALA C 48 -3.24 -3.72 -16.70
C ALA C 48 -4.67 -4.23 -16.44
N GLY C 49 -5.59 -3.30 -16.17
CA GLY C 49 -7.00 -3.65 -15.98
C GLY C 49 -7.58 -4.35 -17.19
N GLU C 50 -8.45 -5.32 -16.96
CA GLU C 50 -9.10 -6.08 -18.04
C GLU C 50 -8.12 -6.94 -18.84
N SER C 51 -6.86 -6.96 -18.43
CA SER C 51 -5.82 -7.64 -19.21
C SER C 51 -6.16 -9.10 -19.36
N GLY C 52 -6.56 -9.74 -18.27
CA GLY C 52 -6.98 -11.14 -18.30
C GLY C 52 -6.62 -11.97 -17.09
N LYS C 53 -5.88 -11.39 -16.15
CA LYS C 53 -5.46 -12.08 -14.92
C LYS C 53 -6.55 -12.99 -14.35
N SER C 54 -7.69 -12.41 -13.98
CA SER C 54 -8.78 -13.17 -13.37
C SER C 54 -9.14 -14.44 -14.14
N THR C 55 -9.13 -14.35 -15.48
CA THR C 55 -9.46 -15.49 -16.34
C THR C 55 -8.45 -16.64 -16.18
N ILE C 56 -7.18 -16.30 -16.24
CA ILE C 56 -6.09 -17.27 -16.11
C ILE C 56 -6.26 -18.14 -14.88
N VAL C 57 -6.62 -17.53 -13.75
CA VAL C 57 -6.88 -18.28 -12.52
C VAL C 57 -8.08 -19.19 -12.70
N LYS C 58 -9.18 -18.64 -13.21
CA LYS C 58 -10.38 -19.43 -13.52
C LYS C 58 -10.00 -20.67 -14.31
N GLN C 59 -9.11 -20.50 -15.29
CA GLN C 59 -8.64 -21.62 -16.11
C GLN C 59 -7.90 -22.67 -15.31
N MET C 60 -7.18 -22.26 -14.27
CA MET C 60 -6.47 -23.20 -13.42
C MET C 60 -7.45 -23.99 -12.56
N ARG C 61 -8.54 -23.36 -12.16
CA ARG C 61 -9.59 -24.04 -11.41
C ARG C 61 -10.26 -25.12 -12.28
N ILE C 62 -10.41 -24.80 -13.55
CA ILE C 62 -10.94 -25.70 -14.57
C ILE C 62 -10.02 -26.91 -14.70
N LEU C 63 -8.73 -26.63 -14.89
CA LEU C 63 -7.77 -27.63 -15.35
C LEU C 63 -7.20 -28.52 -14.25
N HIS C 64 -6.85 -27.91 -13.12
CA HIS C 64 -6.02 -28.57 -12.13
C HIS C 64 -6.59 -28.48 -10.70
N VAL C 65 -7.89 -28.17 -10.60
CA VAL C 65 -8.60 -28.12 -9.30
C VAL C 65 -9.93 -28.90 -9.37
N ASN C 66 -10.65 -28.94 -8.24
CA ASN C 66 -11.90 -29.70 -8.12
C ASN C 66 -13.11 -28.98 -8.71
N GLY C 86 -25.13 -24.73 -5.89
CA GLY C 86 -25.02 -24.08 -4.60
C GLY C 86 -24.14 -22.83 -4.64
N GLU C 87 -22.95 -22.99 -5.22
CA GLU C 87 -21.97 -21.90 -5.31
C GLU C 87 -22.12 -21.06 -6.58
N LYS C 88 -22.53 -21.70 -7.67
CA LYS C 88 -22.63 -21.05 -8.97
C LYS C 88 -23.86 -20.14 -9.13
N ALA C 89 -24.88 -20.37 -8.31
CA ALA C 89 -26.11 -19.57 -8.34
C ALA C 89 -25.85 -18.08 -8.08
N THR C 90 -24.77 -17.80 -7.34
CA THR C 90 -24.34 -16.42 -7.06
C THR C 90 -23.73 -15.79 -8.31
N LYS C 91 -23.04 -16.61 -9.10
CA LYS C 91 -22.41 -16.13 -10.33
C LYS C 91 -23.42 -15.89 -11.43
N VAL C 92 -24.53 -16.64 -11.41
CA VAL C 92 -25.63 -16.42 -12.35
C VAL C 92 -26.07 -14.95 -12.29
N GLN C 93 -26.19 -14.44 -11.06
CA GLN C 93 -26.50 -13.04 -10.81
C GLN C 93 -25.48 -12.13 -11.49
N ASP C 94 -24.19 -12.46 -11.34
CA ASP C 94 -23.09 -11.68 -11.94
C ASP C 94 -23.21 -11.60 -13.46
N ILE C 95 -23.52 -12.73 -14.07
CA ILE C 95 -23.65 -12.80 -15.52
C ILE C 95 -24.75 -11.88 -15.99
N LYS C 96 -25.88 -11.89 -15.28
CA LYS C 96 -26.98 -10.99 -15.59
C LYS C 96 -26.54 -9.53 -15.52
N ASN C 97 -25.69 -9.21 -14.55
CA ASN C 97 -25.19 -7.85 -14.39
C ASN C 97 -24.38 -7.42 -15.60
N ASN C 98 -23.46 -8.28 -16.00
CA ASN C 98 -22.70 -8.11 -17.22
C ASN C 98 -23.63 -7.76 -18.37
N LEU C 99 -24.69 -8.55 -18.54
CA LEU C 99 -25.66 -8.29 -19.59
C LEU C 99 -26.28 -6.91 -19.47
N LYS C 100 -26.83 -6.60 -18.30
CA LYS C 100 -27.46 -5.30 -18.08
C LYS C 100 -26.56 -4.17 -18.56
N GLU C 101 -25.36 -4.08 -17.98
CA GLU C 101 -24.44 -2.98 -18.27
C GLU C 101 -23.83 -3.01 -19.67
N ALA C 102 -23.81 -4.17 -20.30
CA ALA C 102 -23.32 -4.29 -21.68
C ALA C 102 -24.21 -3.49 -22.66
N ILE C 103 -25.52 -3.75 -22.62
CA ILE C 103 -26.48 -3.07 -23.46
C ILE C 103 -26.71 -1.61 -23.03
N GLU C 104 -26.75 -1.36 -21.73
CA GLU C 104 -26.98 0.00 -21.23
C GLU C 104 -25.82 0.93 -21.61
N THR C 105 -24.61 0.38 -21.70
CA THR C 105 -23.44 1.15 -22.12
C THR C 105 -23.51 1.47 -23.61
N ILE C 106 -23.84 0.47 -24.42
CA ILE C 106 -23.97 0.66 -25.86
C ILE C 106 -24.97 1.77 -26.17
N VAL C 107 -26.18 1.67 -25.63
CA VAL C 107 -27.20 2.68 -25.91
C VAL C 107 -26.73 4.08 -25.49
N ALA C 108 -26.17 4.19 -24.28
CA ALA C 108 -25.70 5.48 -23.76
C ALA C 108 -24.65 6.14 -24.68
N ALA C 109 -23.79 5.31 -25.28
CA ALA C 109 -22.77 5.76 -26.23
C ALA C 109 -23.35 6.35 -27.51
N MET C 110 -24.52 5.86 -27.92
CA MET C 110 -25.14 6.21 -29.20
C MET C 110 -25.17 7.72 -29.55
N SER C 111 -25.50 8.55 -28.57
CA SER C 111 -25.64 9.99 -28.82
C SER C 111 -24.33 10.76 -28.65
N ASN C 112 -23.51 10.35 -27.68
CA ASN C 112 -22.26 11.05 -27.38
C ASN C 112 -21.14 10.78 -28.36
N LEU C 113 -21.35 9.79 -29.24
CA LEU C 113 -20.37 9.49 -30.28
C LEU C 113 -20.33 10.59 -31.34
N VAL C 114 -19.17 10.75 -31.96
CA VAL C 114 -18.97 11.75 -33.02
C VAL C 114 -18.47 11.07 -34.29
N PRO C 115 -19.31 11.03 -35.34
CA PRO C 115 -20.68 11.55 -35.36
C PRO C 115 -21.61 10.65 -34.55
N PRO C 116 -22.76 11.18 -34.10
CA PRO C 116 -23.74 10.37 -33.40
C PRO C 116 -24.33 9.30 -34.30
N VAL C 117 -24.77 8.19 -33.71
CA VAL C 117 -25.40 7.13 -34.49
C VAL C 117 -26.88 7.07 -34.14
N GLU C 118 -27.70 6.89 -35.16
CA GLU C 118 -29.15 6.85 -35.00
C GLU C 118 -29.68 5.43 -35.13
N LEU C 119 -30.75 5.15 -34.37
CA LEU C 119 -31.44 3.85 -34.43
C LEU C 119 -31.97 3.59 -35.82
N ALA C 120 -31.90 2.34 -36.28
CA ALA C 120 -32.45 1.95 -37.58
C ALA C 120 -33.98 1.86 -37.56
N ASN C 121 -34.54 1.64 -36.37
CA ASN C 121 -35.99 1.57 -36.16
C ASN C 121 -36.40 2.44 -34.97
N PRO C 122 -36.86 3.69 -35.25
CA PRO C 122 -37.23 4.64 -34.19
C PRO C 122 -38.37 4.15 -33.27
N GLU C 123 -38.94 3.00 -33.60
CA GLU C 123 -39.85 2.30 -32.69
C GLU C 123 -39.11 1.96 -31.39
N ASN C 124 -37.81 1.68 -31.53
CA ASN C 124 -36.97 1.28 -30.41
C ASN C 124 -36.64 2.41 -29.43
N GLN C 125 -37.00 3.64 -29.80
CA GLN C 125 -36.70 4.80 -28.96
C GLN C 125 -37.22 4.64 -27.52
N PHE C 126 -38.39 4.02 -27.40
CA PHE C 126 -39.04 3.82 -26.10
C PHE C 126 -38.26 2.82 -25.25
N ARG C 127 -37.86 1.72 -25.87
CA ARG C 127 -37.00 0.71 -25.24
C ARG C 127 -35.70 1.38 -24.76
N VAL C 128 -35.11 2.17 -25.64
CA VAL C 128 -33.94 3.00 -25.32
C VAL C 128 -34.20 3.81 -24.05
N ASP C 129 -35.39 4.37 -23.95
CA ASP C 129 -35.80 5.13 -22.77
C ASP C 129 -35.96 4.21 -21.56
N TYR C 130 -36.46 2.99 -21.79
CA TYR C 130 -36.59 2.00 -20.72
C TYR C 130 -35.24 1.62 -20.13
N ILE C 131 -34.24 1.49 -21.01
CA ILE C 131 -32.91 1.10 -20.59
C ILE C 131 -32.26 2.15 -19.70
N LEU C 132 -32.40 3.42 -20.09
CA LEU C 132 -31.74 4.50 -19.36
C LEU C 132 -32.46 4.78 -18.04
N SER C 133 -33.75 4.45 -17.99
CA SER C 133 -34.53 4.60 -16.77
C SER C 133 -34.14 3.59 -15.70
N VAL C 134 -33.56 2.47 -16.14
CA VAL C 134 -33.13 1.41 -15.22
C VAL C 134 -31.62 1.33 -15.06
N MET C 135 -30.91 2.26 -15.70
CA MET C 135 -29.45 2.22 -15.70
C MET C 135 -28.83 2.11 -14.31
N ASN C 136 -29.34 2.90 -13.37
CA ASN C 136 -28.70 2.99 -12.07
C ASN C 136 -29.43 2.27 -10.94
N VAL C 137 -30.64 1.78 -11.23
CA VAL C 137 -31.44 1.02 -10.27
C VAL C 137 -30.57 -0.02 -9.57
N PRO C 138 -30.49 0.04 -8.21
CA PRO C 138 -29.61 -0.80 -7.39
C PRO C 138 -29.81 -2.31 -7.58
N ASP C 139 -30.66 -2.93 -6.76
CA ASP C 139 -30.94 -4.35 -6.88
C ASP C 139 -32.03 -4.62 -7.93
N PHE C 140 -31.59 -4.70 -9.18
CA PHE C 140 -32.49 -4.88 -10.32
C PHE C 140 -33.16 -6.26 -10.28
N ASP C 141 -34.46 -6.27 -10.56
CA ASP C 141 -35.31 -7.46 -10.45
C ASP C 141 -35.17 -8.38 -11.67
N PHE C 142 -34.53 -7.87 -12.72
CA PHE C 142 -34.38 -8.55 -14.01
C PHE C 142 -35.68 -9.20 -14.49
N PRO C 143 -36.69 -8.35 -14.77
CA PRO C 143 -37.99 -8.87 -15.17
C PRO C 143 -37.93 -9.33 -16.62
N PRO C 144 -38.96 -10.09 -17.06
CA PRO C 144 -38.99 -10.56 -18.46
C PRO C 144 -39.06 -9.42 -19.47
N GLU C 145 -39.56 -8.25 -19.06
CA GLU C 145 -39.57 -7.05 -19.90
C GLU C 145 -38.15 -6.72 -20.34
N PHE C 146 -37.24 -6.76 -19.37
CA PHE C 146 -35.86 -6.35 -19.55
C PHE C 146 -35.22 -7.09 -20.71
N TYR C 147 -35.36 -8.40 -20.71
CA TYR C 147 -34.76 -9.24 -21.73
C TYR C 147 -35.36 -8.96 -23.11
N GLU C 148 -36.69 -8.83 -23.16
CA GLU C 148 -37.40 -8.50 -24.39
C GLU C 148 -36.89 -7.20 -25.03
N HIS C 149 -36.80 -6.14 -24.23
CA HIS C 149 -36.32 -4.84 -24.71
C HIS C 149 -34.85 -4.89 -25.09
N ALA C 150 -34.07 -5.63 -24.31
CA ALA C 150 -32.64 -5.82 -24.58
C ALA C 150 -32.42 -6.43 -25.96
N LYS C 151 -33.07 -7.58 -26.21
CA LYS C 151 -32.91 -8.27 -27.49
C LYS C 151 -33.33 -7.37 -28.63
N ALA C 152 -34.50 -6.76 -28.49
CA ALA C 152 -35.00 -5.78 -29.47
C ALA C 152 -33.90 -4.82 -29.89
N LEU C 153 -33.29 -4.14 -28.92
CA LEU C 153 -32.18 -3.23 -29.17
C LEU C 153 -30.99 -3.94 -29.81
N TRP C 154 -30.58 -5.07 -29.25
CA TRP C 154 -29.45 -5.82 -29.79
C TRP C 154 -29.72 -6.30 -31.22
N GLU C 155 -30.99 -6.46 -31.56
CA GLU C 155 -31.41 -6.78 -32.92
C GLU C 155 -31.25 -5.56 -33.83
N ASP C 156 -31.55 -4.38 -33.29
CA ASP C 156 -31.53 -3.14 -34.06
C ASP C 156 -30.18 -2.88 -34.69
N GLU C 157 -30.20 -2.62 -36.00
CA GLU C 157 -28.98 -2.44 -36.80
C GLU C 157 -28.18 -1.20 -36.36
N GLY C 158 -28.88 -0.12 -36.06
CA GLY C 158 -28.25 1.09 -35.56
C GLY C 158 -27.51 0.89 -34.25
N VAL C 159 -28.05 0.02 -33.41
CA VAL C 159 -27.43 -0.33 -32.13
C VAL C 159 -26.17 -1.15 -32.38
N ARG C 160 -26.24 -2.09 -33.33
CA ARG C 160 -25.07 -2.89 -33.70
C ARG C 160 -23.95 -2.00 -34.24
N ALA C 161 -24.31 -1.02 -35.07
CA ALA C 161 -23.34 -0.05 -35.61
C ALA C 161 -22.58 0.67 -34.50
N CYS C 162 -23.29 0.92 -33.40
CA CYS C 162 -22.70 1.48 -32.19
C CYS C 162 -21.67 0.54 -31.58
N TYR C 163 -22.04 -0.74 -31.43
CA TYR C 163 -21.11 -1.75 -30.90
C TYR C 163 -19.88 -1.86 -31.79
N GLU C 164 -20.09 -1.89 -33.11
CA GLU C 164 -18.98 -1.95 -34.07
C GLU C 164 -18.06 -0.71 -34.01
N ARG C 165 -18.46 0.29 -33.24
CA ARG C 165 -17.64 1.47 -32.97
C ARG C 165 -17.26 1.56 -31.49
N SER C 166 -17.28 0.42 -30.80
CA SER C 166 -17.13 0.37 -29.34
C SER C 166 -15.79 0.86 -28.80
N ASN C 167 -14.74 0.70 -29.58
CA ASN C 167 -13.39 1.10 -29.17
C ASN C 167 -13.32 2.58 -28.80
N GLU C 168 -14.39 3.31 -29.09
CA GLU C 168 -14.45 4.76 -28.90
C GLU C 168 -15.13 5.10 -27.59
N TYR C 169 -15.38 4.08 -26.78
CA TYR C 169 -15.95 4.23 -25.44
C TYR C 169 -15.64 2.98 -24.60
N GLN C 170 -15.86 3.05 -23.29
CA GLN C 170 -15.46 1.94 -22.42
C GLN C 170 -16.54 0.85 -22.36
N LEU C 171 -16.24 -0.29 -22.97
CA LEU C 171 -17.18 -1.40 -23.06
C LEU C 171 -16.47 -2.72 -22.79
N ILE C 172 -17.05 -3.51 -21.89
CA ILE C 172 -16.52 -4.81 -21.48
C ILE C 172 -16.36 -5.76 -22.67
N ASP C 173 -15.54 -6.80 -22.48
CA ASP C 173 -15.18 -7.73 -23.54
C ASP C 173 -16.27 -8.73 -23.90
N CYS C 174 -17.15 -8.99 -22.93
CA CYS C 174 -18.14 -10.07 -23.04
C CYS C 174 -19.48 -9.61 -23.58
N ALA C 175 -19.57 -8.32 -23.97
CA ALA C 175 -20.83 -7.75 -24.44
C ALA C 175 -21.50 -8.68 -25.45
N GLN C 176 -20.94 -8.68 -26.67
CA GLN C 176 -21.45 -9.48 -27.78
C GLN C 176 -21.76 -10.92 -27.38
N TYR C 177 -20.85 -11.53 -26.63
CA TYR C 177 -21.01 -12.91 -26.18
C TYR C 177 -22.31 -13.15 -25.41
N PHE C 178 -22.61 -12.32 -24.42
CA PHE C 178 -23.82 -12.51 -23.63
C PHE C 178 -25.09 -12.07 -24.37
N LEU C 179 -24.99 -10.90 -25.02
CA LEU C 179 -26.08 -10.35 -25.81
C LEU C 179 -26.57 -11.35 -26.84
N ASP C 180 -25.64 -12.06 -27.48
CA ASP C 180 -26.00 -13.08 -28.47
C ASP C 180 -26.80 -14.24 -27.88
N LYS C 181 -26.66 -14.47 -26.56
CA LYS C 181 -27.39 -15.55 -25.88
C LYS C 181 -28.30 -15.08 -24.72
N ILE C 182 -29.14 -14.09 -25.02
CA ILE C 182 -30.07 -13.51 -24.05
C ILE C 182 -31.22 -14.46 -23.72
N ASP C 183 -31.78 -15.08 -24.74
CA ASP C 183 -32.86 -16.05 -24.57
C ASP C 183 -32.38 -17.29 -23.82
N VAL C 184 -31.06 -17.48 -23.82
CA VAL C 184 -30.45 -18.56 -23.06
C VAL C 184 -30.37 -18.17 -21.58
N ILE C 185 -30.00 -16.91 -21.34
CA ILE C 185 -29.72 -16.42 -19.99
C ILE C 185 -30.99 -16.17 -19.16
N LYS C 186 -32.07 -15.76 -19.84
CA LYS C 186 -33.30 -15.34 -19.17
C LYS C 186 -34.04 -16.45 -18.39
N GLN C 187 -33.88 -17.70 -18.82
CA GLN C 187 -34.50 -18.86 -18.17
C GLN C 187 -34.21 -18.91 -16.68
N ASP C 188 -35.21 -19.33 -15.90
CA ASP C 188 -35.09 -19.34 -14.43
C ASP C 188 -34.32 -20.55 -13.90
N ASP C 189 -34.24 -21.60 -14.72
CA ASP C 189 -33.45 -22.79 -14.38
C ASP C 189 -32.18 -22.83 -15.22
N TYR C 190 -31.69 -21.64 -15.58
CA TYR C 190 -30.47 -21.49 -16.36
C TYR C 190 -29.25 -21.88 -15.53
N VAL C 191 -28.39 -22.69 -16.14
CA VAL C 191 -27.09 -23.01 -15.58
C VAL C 191 -25.98 -22.60 -16.58
N PRO C 192 -25.06 -21.73 -16.12
CA PRO C 192 -24.00 -21.22 -17.00
C PRO C 192 -23.01 -22.30 -17.39
N SER C 193 -22.60 -22.29 -18.64
CA SER C 193 -21.58 -23.19 -19.15
C SER C 193 -20.22 -22.75 -18.61
N ASP C 194 -19.22 -23.61 -18.77
CA ASP C 194 -17.86 -23.26 -18.36
C ASP C 194 -17.41 -21.98 -19.04
N GLN C 195 -17.68 -21.89 -20.34
CA GLN C 195 -17.31 -20.74 -21.15
C GLN C 195 -18.02 -19.47 -20.66
N ASP C 196 -19.26 -19.63 -20.18
CA ASP C 196 -20.01 -18.53 -19.58
C ASP C 196 -19.33 -18.03 -18.31
N LEU C 197 -18.76 -18.96 -17.53
CA LEU C 197 -18.03 -18.59 -16.32
C LEU C 197 -16.73 -17.87 -16.67
N LEU C 198 -16.10 -18.29 -17.76
CA LEU C 198 -14.86 -17.67 -18.23
C LEU C 198 -15.11 -16.23 -18.62
N ARG C 199 -16.17 -16.00 -19.41
CA ARG C 199 -16.46 -14.67 -19.97
C ARG C 199 -17.04 -13.64 -18.96
N CYS C 200 -17.56 -14.13 -17.83
CA CYS C 200 -18.16 -13.26 -16.80
C CYS C 200 -17.18 -12.34 -16.09
N ARG C 201 -17.39 -11.03 -16.24
CA ARG C 201 -16.43 -10.01 -15.81
C ARG C 201 -16.75 -9.40 -14.44
N VAL C 202 -15.88 -9.63 -13.47
CA VAL C 202 -15.95 -8.99 -12.18
C VAL C 202 -14.57 -8.45 -11.84
N LEU C 203 -14.50 -7.13 -11.67
CA LEU C 203 -13.28 -6.44 -11.30
C LEU C 203 -12.73 -7.00 -9.97
N THR C 204 -11.43 -7.24 -9.95
CA THR C 204 -10.73 -7.71 -8.75
C THR C 204 -10.11 -6.52 -8.06
N SER C 205 -10.40 -6.38 -6.76
CA SER C 205 -9.75 -5.38 -5.92
C SER C 205 -9.13 -6.07 -4.72
N GLY C 206 -7.80 -6.01 -4.65
CA GLY C 206 -7.05 -6.68 -3.59
C GLY C 206 -6.29 -7.88 -4.12
N ILE C 207 -5.60 -8.58 -3.21
CA ILE C 207 -4.82 -9.76 -3.60
C ILE C 207 -5.49 -11.05 -3.11
N PHE C 208 -5.64 -12.00 -4.02
CA PHE C 208 -6.34 -13.25 -3.77
C PHE C 208 -5.46 -14.43 -4.17
N GLU C 209 -5.00 -15.19 -3.17
CA GLU C 209 -4.17 -16.35 -3.43
C GLU C 209 -5.02 -17.54 -3.84
N THR C 210 -4.54 -18.33 -4.79
CA THR C 210 -5.16 -19.61 -5.14
C THR C 210 -4.11 -20.69 -5.32
N LYS C 211 -4.13 -21.66 -4.41
CA LYS C 211 -3.19 -22.78 -4.42
C LYS C 211 -3.72 -23.93 -5.29
N PHE C 212 -2.81 -24.67 -5.91
CA PHE C 212 -3.18 -25.91 -6.59
C PHE C 212 -1.99 -26.87 -6.78
N GLN C 213 -2.28 -28.08 -7.25
CA GLN C 213 -1.28 -29.12 -7.45
C GLN C 213 -1.30 -29.63 -8.90
N VAL C 214 -0.12 -29.69 -9.52
CA VAL C 214 0.04 -30.25 -10.87
C VAL C 214 1.20 -31.26 -10.88
N ASP C 215 0.89 -32.51 -11.21
CA ASP C 215 1.87 -33.60 -11.19
C ASP C 215 2.77 -33.55 -9.95
N LYS C 216 2.11 -33.49 -8.78
CA LYS C 216 2.78 -33.41 -7.47
C LYS C 216 3.71 -32.19 -7.28
N VAL C 217 3.58 -31.19 -8.16
CA VAL C 217 4.27 -29.92 -8.00
C VAL C 217 3.27 -28.87 -7.51
N ASN C 218 3.73 -27.97 -6.64
CA ASN C 218 2.86 -26.97 -6.01
C ASN C 218 2.98 -25.56 -6.57
N PHE C 219 1.82 -24.92 -6.72
CA PHE C 219 1.76 -23.56 -7.23
C PHE C 219 0.95 -22.68 -6.31
N HIS C 220 1.45 -21.46 -6.13
CA HIS C 220 0.75 -20.42 -5.41
C HIS C 220 0.52 -19.27 -6.39
N MET C 221 -0.73 -19.07 -6.76
CA MET C 221 -1.06 -18.00 -7.71
C MET C 221 -1.68 -16.80 -7.01
N PHE C 222 -1.14 -15.62 -7.32
CA PHE C 222 -1.58 -14.38 -6.69
C PHE C 222 -2.22 -13.46 -7.72
N ASP C 223 -3.53 -13.30 -7.61
CA ASP C 223 -4.28 -12.41 -8.49
C ASP C 223 -4.31 -11.02 -7.87
N VAL C 224 -4.00 -10.01 -8.67
CA VAL C 224 -4.01 -8.62 -8.19
C VAL C 224 -4.92 -7.74 -9.04
N GLY C 225 -5.09 -6.48 -8.62
CA GLY C 225 -5.86 -5.50 -9.39
C GLY C 225 -5.01 -4.82 -10.44
N GLY C 226 -5.50 -4.80 -11.68
CA GLY C 226 -4.75 -4.22 -12.81
C GLY C 226 -4.73 -2.70 -12.86
N GLN C 227 -5.82 -2.09 -12.40
CA GLN C 227 -5.95 -0.62 -12.36
C GLN C 227 -4.87 0.05 -11.50
N ARG C 228 -4.83 1.37 -11.52
CA ARG C 228 -3.69 2.12 -10.99
C ARG C 228 -3.71 2.27 -9.49
N ASP C 229 -4.90 2.43 -8.92
CA ASP C 229 -5.06 2.55 -7.48
C ASP C 229 -4.84 1.18 -6.82
N GLU C 230 -4.74 0.17 -7.68
CA GLU C 230 -4.57 -1.21 -7.24
C GLU C 230 -3.12 -1.66 -7.34
N ARG C 231 -2.33 -0.94 -8.14
CA ARG C 231 -0.93 -1.29 -8.37
C ARG C 231 -0.02 -1.12 -7.15
N ARG C 232 -0.48 -0.34 -6.17
CA ARG C 232 0.26 -0.13 -4.93
C ARG C 232 0.41 -1.40 -4.07
N LYS C 233 -0.58 -2.28 -4.14
CA LYS C 233 -0.61 -3.51 -3.35
C LYS C 233 0.36 -4.57 -3.85
N TRP C 234 0.73 -4.45 -5.12
CA TRP C 234 1.61 -5.40 -5.81
C TRP C 234 2.86 -5.72 -5.02
N ILE C 235 3.49 -4.66 -4.51
CA ILE C 235 4.71 -4.74 -3.71
C ILE C 235 4.74 -5.95 -2.77
N GLN C 236 3.60 -6.28 -2.18
CA GLN C 236 3.52 -7.30 -1.15
C GLN C 236 3.83 -8.71 -1.67
N CYS C 237 3.83 -8.87 -2.99
CA CYS C 237 4.11 -10.16 -3.61
C CYS C 237 5.42 -10.17 -4.39
N PHE C 238 6.19 -9.09 -4.26
CA PHE C 238 7.45 -8.93 -4.98
C PHE C 238 8.55 -9.84 -4.43
N ASN C 239 8.72 -9.83 -3.11
CA ASN C 239 9.67 -10.69 -2.42
C ASN C 239 9.25 -12.15 -2.50
N ASP C 240 10.24 -13.02 -2.67
CA ASP C 240 10.03 -14.47 -2.82
C ASP C 240 8.93 -14.81 -3.83
N VAL C 241 9.24 -14.51 -5.09
CA VAL C 241 8.38 -14.86 -6.22
C VAL C 241 9.19 -15.77 -7.14
N THR C 242 8.53 -16.79 -7.70
CA THR C 242 9.18 -17.67 -8.65
C THR C 242 9.36 -16.95 -9.97
N ALA C 243 8.24 -16.47 -10.54
CA ALA C 243 8.28 -15.59 -11.72
C ALA C 243 7.00 -14.75 -11.87
N ILE C 244 7.07 -13.75 -12.75
CA ILE C 244 5.92 -12.92 -13.06
C ILE C 244 5.20 -13.52 -14.26
N ILE C 245 3.87 -13.56 -14.17
CA ILE C 245 3.07 -13.75 -15.36
C ILE C 245 2.46 -12.40 -15.67
N PHE C 246 2.89 -11.81 -16.78
CA PHE C 246 2.44 -10.49 -17.17
C PHE C 246 1.52 -10.63 -18.37
N VAL C 247 0.29 -10.14 -18.21
CA VAL C 247 -0.80 -10.36 -19.16
C VAL C 247 -1.10 -9.06 -19.90
N VAL C 248 -1.50 -9.18 -21.16
CA VAL C 248 -1.69 -8.02 -22.02
C VAL C 248 -2.88 -8.21 -22.97
N ALA C 249 -3.82 -7.27 -22.93
CA ALA C 249 -4.89 -7.21 -23.92
C ALA C 249 -4.30 -6.85 -25.29
N SER C 250 -3.84 -7.87 -26.02
CA SER C 250 -3.22 -7.69 -27.33
C SER C 250 -4.11 -6.92 -28.31
N SER C 251 -5.40 -7.21 -28.25
CA SER C 251 -6.41 -6.63 -29.13
C SER C 251 -6.71 -5.16 -28.83
N SER C 252 -6.41 -4.72 -27.62
CA SER C 252 -6.82 -3.38 -27.18
C SER C 252 -5.90 -2.27 -27.68
N TYR C 253 -5.39 -2.42 -28.91
CA TYR C 253 -4.50 -1.43 -29.48
C TYR C 253 -5.25 -0.19 -29.95
N ASN C 254 -6.56 -0.34 -30.18
CA ASN C 254 -7.39 0.76 -30.65
C ASN C 254 -8.24 1.39 -29.55
N MET C 255 -7.81 1.21 -28.31
CA MET C 255 -8.59 1.61 -27.13
C MET C 255 -7.81 2.42 -26.09
N VAL C 256 -8.54 3.24 -25.32
CA VAL C 256 -8.01 3.97 -24.17
C VAL C 256 -8.38 3.27 -22.87
N ILE C 257 -7.85 3.74 -21.74
CA ILE C 257 -8.08 3.09 -20.45
C ILE C 257 -9.25 3.68 -19.67
N ARG C 258 -9.79 2.88 -18.75
CA ARG C 258 -10.85 3.28 -17.83
C ARG C 258 -10.42 4.42 -16.91
N GLU C 259 -9.16 4.36 -16.50
CA GLU C 259 -8.60 5.27 -15.50
C GLU C 259 -8.69 6.75 -15.89
N ASP C 260 -8.53 7.05 -17.19
CA ASP C 260 -8.52 8.45 -17.66
C ASP C 260 -9.06 8.71 -19.08
N ASN C 261 -9.67 7.71 -19.69
CA ASN C 261 -10.26 7.86 -21.04
C ASN C 261 -9.37 8.46 -22.13
N GLN C 262 -8.06 8.48 -21.90
CA GLN C 262 -7.11 9.03 -22.87
C GLN C 262 -5.90 8.16 -23.18
N THR C 263 -5.27 7.60 -22.15
CA THR C 263 -4.04 6.82 -22.35
C THR C 263 -4.32 5.48 -23.03
N ASN C 264 -3.62 5.24 -24.13
CA ASN C 264 -3.81 4.03 -24.95
C ASN C 264 -3.47 2.74 -24.22
N ARG C 265 -4.41 1.78 -24.26
CA ARG C 265 -4.31 0.57 -23.46
C ARG C 265 -3.05 -0.26 -23.67
N LEU C 266 -2.62 -0.41 -24.92
CA LEU C 266 -1.40 -1.15 -25.22
C LEU C 266 -0.20 -0.34 -24.74
N GLN C 267 -0.18 0.94 -25.11
CA GLN C 267 0.88 1.86 -24.73
C GLN C 267 1.00 1.92 -23.22
N GLU C 268 -0.13 1.74 -22.54
CA GLU C 268 -0.15 1.65 -21.09
C GLU C 268 0.54 0.36 -20.65
N ALA C 269 0.11 -0.76 -21.24
CA ALA C 269 0.64 -2.07 -20.86
C ALA C 269 2.15 -2.12 -21.04
N LEU C 270 2.65 -1.51 -22.11
CA LEU C 270 4.08 -1.43 -22.40
C LEU C 270 4.82 -0.67 -21.30
N ASN C 271 4.31 0.50 -20.97
CA ASN C 271 4.93 1.32 -19.93
C ASN C 271 4.86 0.68 -18.54
N LEU C 272 3.77 -0.04 -18.27
CA LEU C 272 3.65 -0.86 -17.06
C LEU C 272 4.65 -2.02 -17.07
N PHE C 273 4.84 -2.62 -18.25
CA PHE C 273 5.81 -3.71 -18.44
C PHE C 273 7.23 -3.20 -18.18
N LYS C 274 7.59 -2.12 -18.85
CA LYS C 274 8.89 -1.48 -18.68
C LYS C 274 9.17 -1.17 -17.21
N SER C 275 8.12 -0.86 -16.45
CA SER C 275 8.24 -0.66 -15.00
C SER C 275 8.64 -1.95 -14.27
N ILE C 276 8.05 -3.07 -14.69
CA ILE C 276 8.26 -4.36 -14.04
C ILE C 276 9.61 -4.96 -14.43
N TRP C 277 9.93 -4.88 -15.71
CA TRP C 277 11.19 -5.37 -16.26
C TRP C 277 12.41 -4.63 -15.69
N ASN C 278 12.24 -3.34 -15.39
CA ASN C 278 13.33 -2.52 -14.90
C ASN C 278 13.19 -2.17 -13.41
N ASN C 279 12.42 -2.97 -12.68
CA ASN C 279 12.19 -2.75 -11.25
C ASN C 279 13.34 -3.20 -10.36
N ARG C 280 13.62 -2.43 -9.32
CA ARG C 280 14.77 -2.67 -8.42
C ARG C 280 14.66 -3.94 -7.58
N TRP C 281 13.42 -4.40 -7.35
CA TRP C 281 13.18 -5.61 -6.58
C TRP C 281 12.89 -6.79 -7.48
N LEU C 282 12.98 -6.57 -8.78
CA LEU C 282 12.67 -7.62 -9.77
C LEU C 282 13.80 -7.88 -10.76
N ARG C 283 15.00 -7.41 -10.42
CA ARG C 283 16.20 -7.53 -11.25
C ARG C 283 16.57 -8.97 -11.63
N THR C 284 16.19 -9.93 -10.78
CA THR C 284 16.57 -11.33 -10.96
C THR C 284 15.39 -12.24 -11.29
N ILE C 285 14.23 -11.64 -11.52
CA ILE C 285 13.03 -12.42 -11.81
C ILE C 285 12.71 -12.32 -13.30
N SER C 286 12.58 -13.47 -13.94
CA SER C 286 12.17 -13.50 -15.33
C SER C 286 10.68 -13.27 -15.41
N VAL C 287 10.22 -12.89 -16.60
CA VAL C 287 8.81 -12.56 -16.77
C VAL C 287 8.23 -13.33 -17.96
N ILE C 288 7.34 -14.27 -17.65
CA ILE C 288 6.61 -15.01 -18.66
C ILE C 288 5.53 -14.13 -19.23
N LEU C 289 5.79 -13.59 -20.41
CA LEU C 289 4.87 -12.70 -21.11
C LEU C 289 3.68 -13.45 -21.68
N PHE C 290 2.48 -12.97 -21.37
CA PHE C 290 1.24 -13.50 -21.92
C PHE C 290 0.58 -12.48 -22.83
N LEU C 291 0.66 -12.69 -24.13
CA LEU C 291 -0.04 -11.82 -25.06
C LEU C 291 -1.44 -12.38 -25.26
N ASN C 292 -2.37 -11.85 -24.49
CA ASN C 292 -3.71 -12.39 -24.36
C ASN C 292 -4.63 -11.91 -25.47
N LYS C 293 -5.88 -12.38 -25.48
CA LYS C 293 -6.91 -11.96 -26.44
C LYS C 293 -6.48 -12.11 -27.91
N GLN C 294 -5.86 -13.25 -28.22
CA GLN C 294 -5.32 -13.48 -29.56
C GLN C 294 -6.40 -13.69 -30.62
N ASP C 295 -7.53 -14.25 -30.19
CA ASP C 295 -8.72 -14.36 -31.01
C ASP C 295 -9.20 -12.98 -31.46
N LEU C 296 -9.41 -12.10 -30.49
CA LEU C 296 -9.89 -10.73 -30.74
C LEU C 296 -8.93 -9.89 -31.57
N LEU C 297 -7.64 -10.20 -31.51
CA LEU C 297 -6.66 -9.50 -32.33
C LEU C 297 -6.90 -9.80 -33.81
N ALA C 298 -6.87 -11.09 -34.15
CA ALA C 298 -7.12 -11.57 -35.51
C ALA C 298 -8.44 -11.03 -36.03
N GLU C 299 -9.47 -11.07 -35.19
CA GLU C 299 -10.77 -10.56 -35.57
C GLU C 299 -10.67 -9.11 -36.05
N LYS C 300 -9.89 -8.30 -35.34
CA LYS C 300 -9.68 -6.89 -35.67
C LYS C 300 -8.79 -6.68 -36.89
N VAL C 301 -7.78 -7.55 -37.03
CA VAL C 301 -6.82 -7.44 -38.12
C VAL C 301 -7.49 -7.81 -39.43
N LEU C 302 -8.20 -8.93 -39.41
CA LEU C 302 -8.89 -9.45 -40.57
C LEU C 302 -10.05 -8.53 -40.95
N ALA C 303 -10.70 -7.97 -39.94
CA ALA C 303 -11.75 -6.97 -40.18
C ALA C 303 -11.16 -5.80 -40.93
N GLY C 304 -9.99 -5.35 -40.48
CA GLY C 304 -9.27 -4.24 -41.10
C GLY C 304 -10.02 -2.93 -41.10
N LYS C 305 -10.98 -2.80 -40.17
CA LYS C 305 -11.76 -1.56 -40.04
C LYS C 305 -10.87 -0.50 -39.42
N SER C 306 -10.28 -0.82 -38.26
CA SER C 306 -9.28 0.04 -37.65
C SER C 306 -7.88 -0.54 -37.89
N LYS C 307 -6.91 0.34 -38.07
CA LYS C 307 -5.55 -0.06 -38.41
C LYS C 307 -4.55 0.17 -37.29
N ILE C 308 -3.43 -0.55 -37.36
CA ILE C 308 -2.39 -0.48 -36.34
C ILE C 308 -1.46 0.72 -36.59
N GLU C 309 -1.11 0.94 -37.85
CA GLU C 309 -0.24 2.05 -38.25
C GLU C 309 -0.82 3.44 -37.92
N ASP C 310 -2.10 3.45 -37.55
CA ASP C 310 -2.80 4.69 -37.22
C ASP C 310 -2.74 5.02 -35.74
N TYR C 311 -2.50 4.00 -34.91
CA TYR C 311 -2.31 4.19 -33.46
C TYR C 311 -0.84 4.02 -33.05
N PHE C 312 -0.13 3.17 -33.81
CA PHE C 312 1.30 2.93 -33.64
C PHE C 312 1.93 3.01 -35.04
N PRO C 313 2.50 4.19 -35.40
CA PRO C 313 2.95 4.44 -36.78
C PRO C 313 4.18 3.63 -37.19
N GLU C 314 4.88 3.04 -36.22
CA GLU C 314 6.06 2.23 -36.49
C GLU C 314 5.73 0.89 -37.15
N PHE C 315 4.47 0.48 -37.05
CA PHE C 315 4.00 -0.77 -37.63
C PHE C 315 4.09 -0.75 -39.16
N ALA C 316 3.94 0.44 -39.75
CA ALA C 316 4.08 0.63 -41.18
C ALA C 316 5.44 0.15 -41.70
N ARG C 317 6.47 0.35 -40.89
CA ARG C 317 7.83 -0.08 -41.18
C ARG C 317 7.95 -1.60 -41.06
N TYR C 318 7.42 -2.12 -39.96
CA TYR C 318 7.59 -3.52 -39.55
C TYR C 318 7.29 -4.55 -40.63
N THR C 319 8.18 -5.55 -40.73
CA THR C 319 7.94 -6.75 -41.52
C THR C 319 8.08 -7.99 -40.64
N THR C 320 7.49 -9.09 -41.09
CA THR C 320 7.42 -10.33 -40.30
C THR C 320 8.78 -11.04 -40.14
N PRO C 321 9.14 -11.43 -38.90
CA PRO C 321 10.43 -12.06 -38.58
C PRO C 321 10.63 -13.46 -39.16
N GLU C 322 11.90 -13.85 -39.29
CA GLU C 322 12.28 -15.12 -39.89
C GLU C 322 11.84 -16.32 -39.05
N ASP C 323 12.11 -16.25 -37.75
CA ASP C 323 11.82 -17.34 -36.81
C ASP C 323 10.32 -17.55 -36.58
N ALA C 324 9.51 -16.96 -37.45
CA ALA C 324 8.05 -17.02 -37.36
C ALA C 324 7.56 -18.45 -37.30
N THR C 325 6.78 -18.76 -36.27
CA THR C 325 6.10 -20.05 -36.14
C THR C 325 4.57 -19.86 -36.18
N PRO C 326 4.01 -19.52 -37.35
CA PRO C 326 2.57 -19.27 -37.43
C PRO C 326 1.75 -20.54 -37.26
N GLU C 327 0.53 -20.37 -36.77
CA GLU C 327 -0.41 -21.48 -36.61
C GLU C 327 -0.92 -21.93 -37.98
N PRO C 328 -1.38 -23.19 -38.09
CA PRO C 328 -1.85 -23.68 -39.40
C PRO C 328 -3.06 -22.90 -39.91
N GLY C 329 -2.96 -22.43 -41.16
CA GLY C 329 -4.04 -21.68 -41.79
C GLY C 329 -4.21 -20.27 -41.26
N GLU C 330 -3.16 -19.76 -40.61
CA GLU C 330 -3.16 -18.41 -40.07
C GLU C 330 -2.82 -17.42 -41.19
N ASP C 331 -3.65 -16.38 -41.30
CA ASP C 331 -3.42 -15.29 -42.23
C ASP C 331 -2.08 -14.61 -41.92
N PRO C 332 -1.28 -14.31 -42.95
CA PRO C 332 -0.03 -13.56 -42.73
C PRO C 332 -0.28 -12.24 -42.02
N ARG C 333 -1.38 -11.57 -42.37
CA ARG C 333 -1.72 -10.30 -41.73
C ARG C 333 -1.72 -10.46 -40.22
N VAL C 334 -2.39 -11.50 -39.76
CA VAL C 334 -2.46 -11.80 -38.33
C VAL C 334 -1.05 -12.08 -37.80
N THR C 335 -0.33 -12.96 -38.49
CA THR C 335 1.05 -13.27 -38.12
C THR C 335 1.85 -11.97 -37.98
N ARG C 336 1.79 -11.11 -38.99
CA ARG C 336 2.52 -9.85 -38.97
C ARG C 336 2.12 -8.98 -37.77
N ALA C 337 0.82 -8.93 -37.49
CA ALA C 337 0.29 -8.12 -36.39
C ALA C 337 0.70 -8.65 -35.02
N LYS C 338 0.48 -9.93 -34.78
CA LYS C 338 0.67 -10.51 -33.45
C LYS C 338 2.13 -10.53 -33.02
N TYR C 339 3.03 -10.63 -34.00
CA TYR C 339 4.45 -10.69 -33.73
C TYR C 339 5.05 -9.30 -33.57
N PHE C 340 4.46 -8.32 -34.26
CA PHE C 340 4.81 -6.91 -34.09
C PHE C 340 4.60 -6.54 -32.64
N ILE C 341 3.43 -6.91 -32.14
CA ILE C 341 3.07 -6.62 -30.76
C ILE C 341 4.08 -7.25 -29.82
N ARG C 342 4.35 -8.54 -30.00
CA ARG C 342 5.35 -9.25 -29.20
C ARG C 342 6.72 -8.55 -29.24
N ASP C 343 7.09 -8.05 -30.42
CA ASP C 343 8.39 -7.43 -30.62
C ASP C 343 8.50 -6.10 -29.90
N GLU C 344 7.41 -5.33 -29.91
CA GLU C 344 7.35 -4.09 -29.13
C GLU C 344 7.73 -4.39 -27.68
N PHE C 345 7.21 -5.50 -27.15
CA PHE C 345 7.50 -5.89 -25.78
C PHE C 345 8.93 -6.34 -25.56
N LEU C 346 9.44 -7.13 -26.50
CA LEU C 346 10.81 -7.65 -26.43
C LEU C 346 11.89 -6.57 -26.49
N ARG C 347 11.57 -5.42 -27.09
CA ARG C 347 12.50 -4.29 -27.15
C ARG C 347 12.82 -3.75 -25.75
N ILE C 348 11.94 -4.05 -24.80
CA ILE C 348 12.14 -3.68 -23.40
C ILE C 348 12.94 -4.76 -22.69
N SER C 349 12.77 -6.01 -23.13
CA SER C 349 13.46 -7.13 -22.51
C SER C 349 14.85 -7.38 -23.12
N THR C 350 15.31 -6.47 -23.96
CA THR C 350 16.65 -6.58 -24.54
C THR C 350 17.55 -5.44 -24.07
N ALA C 351 16.96 -4.27 -23.86
CA ALA C 351 17.71 -3.10 -23.43
C ALA C 351 18.35 -3.28 -22.05
N SER C 352 17.64 -3.95 -21.14
CA SER C 352 18.20 -4.28 -19.83
C SER C 352 18.06 -5.77 -19.52
N GLY C 353 18.60 -6.18 -18.38
CA GLY C 353 18.54 -7.58 -17.97
C GLY C 353 19.91 -8.19 -17.80
N ASP C 354 20.72 -8.10 -18.85
CA ASP C 354 22.12 -8.56 -18.87
C ASP C 354 22.27 -10.05 -18.55
N GLY C 355 21.25 -10.84 -18.88
CA GLY C 355 21.29 -12.27 -18.61
C GLY C 355 21.11 -12.60 -17.13
N ARG C 356 20.59 -11.66 -16.38
CA ARG C 356 20.28 -11.86 -14.96
C ARG C 356 18.80 -12.26 -14.82
N HIS C 357 18.01 -11.89 -15.83
CA HIS C 357 16.64 -12.37 -15.96
C HIS C 357 16.20 -12.27 -17.42
N TYR C 358 15.38 -13.22 -17.86
CA TYR C 358 14.95 -13.30 -19.27
C TYR C 358 13.45 -13.12 -19.43
N CYS C 359 12.98 -13.25 -20.67
CA CYS C 359 11.56 -13.08 -20.98
C CYS C 359 11.05 -14.20 -21.86
N TYR C 360 9.88 -14.73 -21.52
CA TYR C 360 9.30 -15.85 -22.24
C TYR C 360 7.89 -15.54 -22.75
N PRO C 361 7.78 -15.10 -24.01
CA PRO C 361 6.52 -14.78 -24.65
C PRO C 361 5.69 -16.02 -24.95
N HIS C 362 4.38 -15.87 -24.83
CA HIS C 362 3.42 -16.86 -25.28
C HIS C 362 2.22 -16.11 -25.84
N PHE C 363 1.81 -16.45 -27.05
CA PHE C 363 0.53 -16.01 -27.58
C PHE C 363 -0.53 -16.79 -26.85
N THR C 364 -1.48 -16.09 -26.21
CA THR C 364 -2.50 -16.76 -25.41
C THR C 364 -3.90 -16.19 -25.62
N CYS C 365 -4.88 -17.09 -25.70
CA CYS C 365 -6.28 -16.72 -25.60
C CYS C 365 -6.83 -17.26 -24.29
N ALA C 366 -7.01 -16.37 -23.31
CA ALA C 366 -7.40 -16.77 -21.95
C ALA C 366 -8.70 -17.56 -21.86
N VAL C 367 -9.69 -17.20 -22.68
CA VAL C 367 -10.97 -17.91 -22.71
C VAL C 367 -10.95 -19.16 -23.59
N ASP C 368 -9.76 -19.73 -23.77
CA ASP C 368 -9.57 -20.95 -24.54
C ASP C 368 -8.82 -21.99 -23.70
N THR C 369 -9.57 -22.81 -22.96
CA THR C 369 -9.00 -23.81 -22.05
C THR C 369 -8.03 -24.75 -22.79
N GLU C 370 -8.29 -24.93 -24.09
CA GLU C 370 -7.50 -25.80 -24.96
C GLU C 370 -6.13 -25.18 -25.24
N ASN C 371 -6.07 -23.86 -25.17
CA ASN C 371 -4.85 -23.12 -25.41
C ASN C 371 -4.11 -22.82 -24.11
N ILE C 372 -4.85 -22.75 -23.00
CA ILE C 372 -4.23 -22.44 -21.73
C ILE C 372 -3.45 -23.64 -21.18
N ARG C 373 -4.03 -24.84 -21.28
CA ARG C 373 -3.30 -26.04 -20.89
C ARG C 373 -1.96 -26.05 -21.61
N ARG C 374 -2.02 -25.95 -22.94
CA ARG C 374 -0.86 -25.90 -23.83
C ARG C 374 0.24 -24.92 -23.39
N VAL C 375 -0.13 -23.64 -23.25
CA VAL C 375 0.86 -22.61 -22.91
C VAL C 375 1.41 -22.76 -21.48
N PHE C 376 0.54 -23.11 -20.53
CA PHE C 376 0.94 -23.36 -19.15
C PHE C 376 1.83 -24.60 -19.04
N ASN C 377 1.73 -25.50 -20.02
CA ASN C 377 2.65 -26.63 -20.12
C ASN C 377 4.02 -26.22 -20.64
N ASP C 378 4.05 -25.22 -21.52
CA ASP C 378 5.31 -24.62 -21.98
C ASP C 378 6.00 -23.90 -20.83
N CYS C 379 5.20 -23.37 -19.91
CA CYS C 379 5.68 -22.64 -18.74
C CYS C 379 6.26 -23.58 -17.69
N ARG C 380 5.59 -24.70 -17.47
CA ARG C 380 6.06 -25.71 -16.51
C ARG C 380 7.47 -26.17 -16.84
N ASP C 381 7.74 -26.32 -18.13
CA ASP C 381 9.05 -26.63 -18.67
C ASP C 381 10.09 -25.58 -18.24
N ILE C 382 9.70 -24.31 -18.32
CA ILE C 382 10.60 -23.19 -18.02
C ILE C 382 10.92 -23.12 -16.51
N ILE C 383 9.89 -23.24 -15.68
CA ILE C 383 10.03 -23.15 -14.22
C ILE C 383 10.87 -24.28 -13.61
N GLN C 384 10.74 -25.48 -14.18
CA GLN C 384 11.47 -26.66 -13.70
C GLN C 384 12.98 -26.45 -13.68
N ARG C 385 13.47 -25.63 -14.62
CA ARG C 385 14.87 -25.21 -14.64
C ARG C 385 15.07 -23.76 -14.11
N MET C 386 13.99 -22.98 -14.09
CA MET C 386 14.02 -21.63 -13.49
C MET C 386 13.62 -21.60 -12.02
N HIS C 387 14.19 -22.54 -11.27
CA HIS C 387 14.26 -22.48 -9.81
C HIS C 387 15.55 -23.19 -9.41
N LEU C 388 16.44 -23.35 -10.40
CA LEU C 388 17.73 -24.01 -10.21
C LEU C 388 18.87 -23.06 -10.56
CA CA D . 2.33 14.09 27.31
CA CA E . 2.51 12.76 24.87
C1 FOK F . 4.37 1.47 16.94
O2 FOK F . 5.61 1.24 16.26
C2 FOK F . 4.68 1.88 18.38
C3 FOK F . 5.17 3.32 18.51
C4 FOK F . 4.31 4.34 17.79
C5 FOK F . 4.00 3.90 16.32
C6 FOK F . 3.35 4.97 15.40
O3 FOK F . 2.07 5.42 15.84
C7 FOK F . 3.33 4.49 13.94
O4 FOK F . 2.72 5.44 13.05
C8 FOK F . 2.70 3.11 13.75
O1 FOK F . 2.89 2.76 12.38
C9 FOK F . 3.41 2.09 14.65
O6 FOK F . 4.78 2.08 14.22
C10 FOK F . 3.47 2.45 16.17
C11 FOK F . 2.89 0.70 14.30
O7 FOK F . 2.88 -0.20 15.11
C12 FOK F . 2.38 0.41 12.91
C13 FOK F . 2.84 1.42 11.86
C14 FOK F . 4.19 1.01 11.34
C15 FOK F . 5.19 1.87 11.25
C16 FOK F . 1.87 1.39 10.70
C17 FOK F . 1.18 3.20 13.94
C18 FOK F . 5.14 5.62 17.79
C19 FOK F . 3.08 4.63 18.64
C20 FOK F . 2.07 2.29 16.78
C21 FOK F . 3.59 6.57 12.80
O5 FOK F . 4.67 6.37 12.25
C22 FOK F . 3.12 7.92 13.22
PG ATP G . -1.08 15.30 26.99
O1G ATP G . -1.29 15.43 28.61
O2G ATP G . -2.54 15.67 26.36
O3G ATP G . -0.61 13.97 26.56
PB ATP G . 1.44 16.63 27.19
O1B ATP G . 1.58 15.75 28.37
O2B ATP G . 1.74 18.08 27.33
O3B ATP G . -0.08 16.51 26.59
PA ATP G . 2.02 15.98 24.40
O1A ATP G . 1.08 14.85 24.14
O2A ATP G . 1.63 17.36 24.01
O3A ATP G . 2.41 15.99 26.00
O5' ATP G . 3.45 15.65 23.68
C5' ATP G . 3.94 16.41 22.53
C4' ATP G . 4.64 15.52 21.45
O4' ATP G . 6.09 15.70 21.45
C3' ATP G . 4.46 14.04 21.76
O3' ATP G . 3.30 13.55 21.06
C2' ATP G . 5.77 13.37 21.28
O2' ATP G . 5.53 12.45 20.20
C1' ATP G . 6.65 14.53 20.79
N9 ATP G . 8.11 14.40 21.16
C8 ATP G . 8.83 15.32 21.84
N7 ATP G . 10.08 14.91 21.99
C5 ATP G . 10.20 13.72 21.41
C6 ATP G . 11.27 12.82 21.26
N6 ATP G . 12.47 13.08 21.75
N1 ATP G . 11.05 11.67 20.60
C2 ATP G . 9.86 11.39 20.10
N3 ATP G . 8.82 12.22 20.24
C4 ATP G . 8.96 13.40 20.88
CL CL H . -3.71 -4.56 -21.81
MG MG I . -8.33 -9.34 -12.08
PG GSP J . -8.55 -6.56 -13.37
O3B GSP J . -8.68 -7.15 -14.89
S1G GSP J . -9.36 -5.06 -13.19
O2G GSP J . -9.12 -7.60 -12.37
O3G GSP J . -7.06 -6.28 -13.09
PB GSP J . -8.36 -8.69 -15.20
O1B GSP J . -6.91 -8.90 -15.38
O2B GSP J . -8.89 -9.55 -14.13
PA GSP J . -10.24 -10.11 -16.68
O1A GSP J . -9.65 -11.44 -16.37
O2A GSP J . -11.35 -9.77 -15.76
O3A GSP J . -9.08 -9.00 -16.60
O5' GSP J . -10.65 -10.09 -18.22
C5' GSP J . -11.64 -9.19 -18.66
C4' GSP J . -12.65 -9.88 -19.57
O4' GSP J . -12.05 -10.18 -20.82
C3' GSP J . -13.16 -11.18 -18.97
O3' GSP J . -14.55 -11.08 -18.78
C2' GSP J . -12.78 -12.25 -19.99
O2' GSP J . -13.83 -13.12 -20.28
C1' GSP J . -12.37 -11.49 -21.24
N9 GSP J . -11.21 -12.15 -21.84
C8 GSP J . -10.05 -12.51 -21.20
N7 GSP J . -9.22 -13.09 -22.09
C5 GSP J . -9.83 -13.12 -23.29
C6 GSP J . -9.44 -13.60 -24.53
O6 GSP J . -8.33 -14.11 -24.68
N1 GSP J . -10.28 -13.49 -25.62
C2 GSP J . -11.51 -12.90 -25.45
N2 GSP J . -12.34 -12.81 -26.50
N3 GSP J . -11.91 -12.43 -24.21
C4 GSP J . -11.08 -12.53 -23.15
#